data_3A98
#
_entry.id   3A98
#
_cell.length_a   63.837
_cell.length_b   104.028
_cell.length_c   124.731
_cell.angle_alpha   90.00
_cell.angle_beta   90.00
_cell.angle_gamma   90.00
#
_symmetry.space_group_name_H-M   'P 21 21 21'
#
loop_
_entity.id
_entity.type
_entity.pdbx_description
1 polymer 'Dedicator of cytokinesis protein 2'
2 polymer 'Engulfment and cell motility protein 1'
3 water water
#
loop_
_entity_poly.entity_id
_entity_poly.type
_entity_poly.pdbx_seq_one_letter_code
_entity_poly.pdbx_strand_id
1 'polypeptide(L)'
;GSSGSSG(MSE)APWRKADKERHGVAIYNFQGSGAPQLSLQIGDVVRIQETCGDWYRGYLIKHK(MSE)LQGIFPKSFIH
IKEVTVEKRRNTENIIPAEIPLAQEVTTTLWEWGSIWKQLYVASKKERFLQVQS(MSE)(MSE)YDL(MSE)EWRSQLLS
GTLPKDELKELKQKVTSKIDYGNKILELDLIVRDEDGNILDPDN
;
A,C
2 'polypeptide(L)'
;GSSGSSGPILELKEKIQPEILELIKQQRLNRLVEGTCFRKLNARRRQDKFWYCRLSPNHKVLHYGDLEESPQGEVPHDSL
QDKLPVADIKAVVTGKDCPH(MSE)KEKGALKQNKEVLELAFSILYDSNCQLNFIAPDKHEYCIWTDGLNALLGKD
(MSE)(MSE)SDLTRNDLDTLLS(MSE)EIKLRLLDLENIQIPDAPPPIPKEPSNYDFVYDCN
;
B,D
#
# COMPACT_ATOMS: atom_id res chain seq x y z
N GLY A 7 10.07 36.98 -7.10
CA GLY A 7 8.67 36.62 -6.81
C GLY A 7 8.33 35.21 -7.23
N MSE A 8 7.92 34.38 -6.28
CA MSE A 8 7.56 32.99 -6.56
C MSE A 8 6.06 32.72 -6.45
O MSE A 8 5.38 33.33 -5.62
CB MSE A 8 8.33 32.06 -5.62
CG MSE A 8 8.34 32.50 -4.17
SE MSE A 8 9.53 31.44 -3.05
CE MSE A 8 11.23 31.97 -3.82
N ALA A 9 5.56 31.83 -7.30
CA ALA A 9 4.16 31.44 -7.32
C ALA A 9 3.67 31.10 -5.91
N PRO A 10 2.71 31.88 -5.37
CA PRO A 10 2.25 31.54 -4.03
C PRO A 10 1.13 30.49 -4.09
N TRP A 11 0.91 29.81 -2.97
CA TRP A 11 -0.16 28.82 -2.91
C TRP A 11 -1.42 29.65 -2.66
N ARG A 12 -2.51 29.34 -3.36
CA ARG A 12 -3.76 30.08 -3.17
C ARG A 12 -4.95 29.15 -3.21
N LYS A 13 -6.06 29.62 -2.64
CA LYS A 13 -7.28 28.82 -2.61
C LYS A 13 -7.69 28.47 -4.04
N ALA A 14 -8.18 27.26 -4.22
CA ALA A 14 -8.64 26.84 -5.55
C ALA A 14 -10.11 27.31 -5.61
N ASP A 15 -10.42 28.14 -6.58
CA ASP A 15 -11.75 28.69 -6.74
C ASP A 15 -12.77 27.72 -7.33
N LYS A 16 -12.85 27.70 -8.65
CA LYS A 16 -13.78 26.84 -9.35
C LYS A 16 -13.26 25.44 -9.60
N GLU A 17 -11.98 25.21 -9.33
CA GLU A 17 -11.37 23.89 -9.54
C GLU A 17 -11.48 23.08 -8.25
N ARG A 18 -12.70 22.77 -7.83
CA ARG A 18 -12.89 22.02 -6.58
C ARG A 18 -12.67 20.52 -6.61
N HIS A 19 -13.11 19.84 -7.67
CA HIS A 19 -12.95 18.39 -7.76
C HIS A 19 -12.40 17.97 -9.11
N GLY A 20 -11.60 16.91 -9.11
CA GLY A 20 -11.05 16.43 -10.36
C GLY A 20 -10.82 14.94 -10.36
N VAL A 21 -10.45 14.40 -11.52
CA VAL A 21 -10.20 12.98 -11.64
C VAL A 21 -8.85 12.81 -12.36
N ALA A 22 -8.04 11.88 -11.88
CA ALA A 22 -6.72 11.66 -12.49
C ALA A 22 -6.86 10.95 -13.83
N ILE A 23 -6.20 11.50 -14.85
CA ILE A 23 -6.26 10.93 -16.17
C ILE A 23 -5.05 10.09 -16.50
N TYR A 24 -4.18 9.90 -15.51
CA TYR A 24 -2.98 9.09 -15.69
C TYR A 24 -2.45 8.77 -14.32
N ASN A 25 -1.58 7.76 -14.23
CA ASN A 25 -1.01 7.39 -12.95
C ASN A 25 0.11 8.40 -12.68
N PHE A 26 0.11 9.01 -11.50
CA PHE A 26 1.16 9.97 -11.14
C PHE A 26 1.95 9.36 -10.00
N GLN A 27 3.21 9.06 -10.26
CA GLN A 27 4.06 8.50 -9.23
C GLN A 27 4.83 9.66 -8.62
N GLY A 28 4.48 10.01 -7.39
CA GLY A 28 5.17 11.10 -6.73
C GLY A 28 6.47 10.63 -6.09
N SER A 29 7.30 11.57 -5.66
CA SER A 29 8.56 11.19 -5.03
C SER A 29 8.42 11.16 -3.52
N GLY A 30 7.19 11.07 -3.05
CA GLY A 30 6.93 11.03 -1.62
C GLY A 30 6.39 12.36 -1.14
N ALA A 31 5.77 12.36 0.03
CA ALA A 31 5.20 13.58 0.60
C ALA A 31 6.25 14.68 0.46
N PRO A 32 5.83 15.92 0.20
CA PRO A 32 4.47 16.44 0.04
C PRO A 32 3.68 16.01 -1.21
N GLN A 33 4.29 15.26 -2.11
CA GLN A 33 3.58 14.82 -3.31
C GLN A 33 2.69 13.62 -3.06
N LEU A 34 1.45 13.70 -3.54
CA LEU A 34 0.47 12.62 -3.38
C LEU A 34 0.39 11.83 -4.70
N SER A 35 0.83 10.58 -4.68
CA SER A 35 0.76 9.72 -5.87
C SER A 35 -0.69 9.46 -6.20
N LEU A 36 -0.99 9.33 -7.49
CA LEU A 36 -2.35 9.08 -7.94
C LEU A 36 -2.39 7.96 -8.97
N GLN A 37 -3.48 7.21 -8.95
CA GLN A 37 -3.69 6.13 -9.90
C GLN A 37 -4.81 6.65 -10.81
N ILE A 38 -4.73 6.33 -12.10
CA ILE A 38 -5.72 6.76 -13.06
C ILE A 38 -7.14 6.48 -12.56
N GLY A 39 -8.00 7.49 -12.68
CA GLY A 39 -9.38 7.37 -12.23
C GLY A 39 -9.61 7.85 -10.80
N ASP A 40 -8.54 8.13 -10.05
CA ASP A 40 -8.70 8.60 -8.67
C ASP A 40 -9.42 9.93 -8.65
N VAL A 41 -10.42 10.08 -7.76
CA VAL A 41 -11.14 11.33 -7.65
C VAL A 41 -10.59 12.15 -6.49
N VAL A 42 -10.30 13.42 -6.74
CA VAL A 42 -9.73 14.24 -5.67
C VAL A 42 -10.49 15.52 -5.39
N ARG A 43 -10.32 16.01 -4.17
CA ARG A 43 -10.89 17.29 -3.75
C ARG A 43 -9.67 18.21 -3.80
N ILE A 44 -9.74 19.25 -4.62
CA ILE A 44 -8.64 20.20 -4.75
C ILE A 44 -8.90 21.37 -3.82
N GLN A 45 -7.94 21.66 -2.96
CA GLN A 45 -8.09 22.73 -2.00
C GLN A 45 -7.32 23.98 -2.37
N GLU A 46 -6.16 23.80 -2.96
CA GLU A 46 -5.34 24.93 -3.37
C GLU A 46 -4.48 24.63 -4.59
N THR A 47 -3.86 25.68 -5.10
CA THR A 47 -3.02 25.54 -6.27
C THR A 47 -1.90 26.54 -6.19
N CYS A 48 -0.79 26.22 -6.86
CA CYS A 48 0.35 27.10 -6.89
C CYS A 48 1.15 26.72 -8.11
N GLY A 49 0.98 27.51 -9.16
CA GLY A 49 1.68 27.23 -10.40
C GLY A 49 1.02 26.10 -11.18
N ASP A 50 1.77 25.04 -11.43
CA ASP A 50 1.30 23.90 -12.17
C ASP A 50 0.93 22.74 -11.24
N TRP A 51 0.70 23.06 -9.98
CA TRP A 51 0.38 22.07 -8.98
C TRP A 51 -0.89 22.37 -8.21
N TYR A 52 -1.56 21.29 -7.78
CA TYR A 52 -2.75 21.37 -6.95
C TYR A 52 -2.38 20.72 -5.64
N ARG A 53 -3.10 21.08 -4.59
CA ARG A 53 -2.91 20.44 -3.31
C ARG A 53 -4.31 19.95 -2.96
N GLY A 54 -4.43 18.70 -2.52
CA GLY A 54 -5.73 18.17 -2.17
C GLY A 54 -5.66 16.79 -1.59
N TYR A 55 -6.74 16.02 -1.70
CA TYR A 55 -6.74 14.68 -1.15
C TYR A 55 -7.71 13.77 -1.88
N LEU A 56 -7.52 12.47 -1.69
CA LEU A 56 -8.36 11.46 -2.32
C LEU A 56 -9.70 11.47 -1.60
N ILE A 57 -10.78 11.64 -2.35
CA ILE A 57 -12.12 11.66 -1.80
C ILE A 57 -12.41 10.40 -0.99
N LYS A 58 -11.99 9.24 -1.49
CA LYS A 58 -12.21 7.98 -0.80
C LYS A 58 -11.13 7.63 0.22
N HIS A 59 -10.27 8.60 0.54
CA HIS A 59 -9.19 8.41 1.52
C HIS A 59 -8.67 9.79 1.89
N LYS A 60 -9.52 10.58 2.53
CA LYS A 60 -9.21 11.94 2.93
C LYS A 60 -7.95 12.13 3.77
N MSE A 61 -7.45 11.07 4.37
CA MSE A 61 -6.22 11.19 5.17
C MSE A 61 -5.03 11.24 4.21
O MSE A 61 -3.95 11.70 4.60
CB MSE A 61 -6.08 10.00 6.12
CG MSE A 61 -7.18 9.89 7.20
SE MSE A 61 -7.32 11.45 8.34
CE MSE A 61 -8.80 12.35 7.48
N LEU A 62 -5.21 10.76 2.98
CA LEU A 62 -4.15 10.77 1.99
C LEU A 62 -4.26 12.12 1.27
N GLN A 63 -3.36 13.04 1.64
CA GLN A 63 -3.33 14.40 1.14
C GLN A 63 -1.94 14.79 0.65
N GLY A 64 -1.88 15.74 -0.27
CA GLY A 64 -0.61 16.18 -0.81
C GLY A 64 -0.79 16.91 -2.12
N ILE A 65 0.31 17.10 -2.84
CA ILE A 65 0.28 17.82 -4.09
C ILE A 65 0.45 16.94 -5.30
N PHE A 66 -0.13 17.37 -6.41
CA PHE A 66 -0.06 16.63 -7.66
C PHE A 66 -0.17 17.62 -8.80
N PRO A 67 0.39 17.28 -9.97
CA PRO A 67 0.38 18.11 -11.18
C PRO A 67 -1.01 18.40 -11.75
N LYS A 68 -1.22 19.66 -12.14
CA LYS A 68 -2.47 20.07 -12.73
C LYS A 68 -2.68 19.26 -14.00
N SER A 69 -1.59 18.99 -14.71
CA SER A 69 -1.63 18.23 -15.96
C SER A 69 -2.16 16.79 -15.85
N PHE A 70 -2.19 16.21 -14.64
CA PHE A 70 -2.68 14.84 -14.49
C PHE A 70 -4.13 14.79 -14.05
N ILE A 71 -4.75 15.96 -13.97
CA ILE A 71 -6.12 16.07 -13.48
C ILE A 71 -7.09 16.67 -14.47
N HIS A 72 -8.28 16.08 -14.55
CA HIS A 72 -9.35 16.61 -15.38
C HIS A 72 -10.36 17.17 -14.39
N ILE A 73 -10.63 18.47 -14.49
CA ILE A 73 -11.56 19.13 -13.59
C ILE A 73 -13.00 18.81 -13.97
N LYS A 74 -13.75 18.25 -13.02
CA LYS A 74 -15.16 17.90 -13.24
C LYS A 74 -16.00 18.42 -12.08
N GLU A 75 -17.28 18.10 -12.10
CA GLU A 75 -18.21 18.50 -11.06
C GLU A 75 -18.65 17.26 -10.29
N VAL A 76 -19.07 17.46 -9.04
CA VAL A 76 -19.52 16.34 -8.21
C VAL A 76 -20.76 16.72 -7.40
N ILE A 88 -29.56 21.32 -11.31
CA ILE A 88 -28.84 20.09 -11.66
C ILE A 88 -29.78 18.98 -12.12
N PRO A 89 -29.44 18.35 -13.26
CA PRO A 89 -30.24 17.26 -13.84
C PRO A 89 -30.21 16.01 -12.95
N ALA A 90 -31.39 15.45 -12.68
CA ALA A 90 -31.51 14.27 -11.82
C ALA A 90 -30.61 13.10 -12.19
N GLU A 91 -30.38 12.89 -13.49
CA GLU A 91 -29.54 11.78 -13.90
C GLU A 91 -28.11 11.88 -13.40
N ILE A 92 -27.65 13.10 -13.10
CA ILE A 92 -26.30 13.27 -12.58
C ILE A 92 -26.19 12.68 -11.16
N PRO A 93 -27.00 13.17 -10.23
CA PRO A 93 -26.89 12.59 -8.89
C PRO A 93 -27.22 11.10 -8.90
N LEU A 94 -28.08 10.66 -9.81
CA LEU A 94 -28.40 9.24 -9.89
C LEU A 94 -27.16 8.48 -10.36
N ALA A 95 -26.42 9.07 -11.30
CA ALA A 95 -25.20 8.44 -11.79
C ALA A 95 -24.26 8.28 -10.61
N GLN A 96 -24.18 9.31 -9.78
CA GLN A 96 -23.30 9.28 -8.60
C GLN A 96 -23.72 8.19 -7.62
N GLU A 97 -25.02 8.01 -7.41
CA GLU A 97 -25.48 6.95 -6.51
C GLU A 97 -25.08 5.56 -7.04
N VAL A 98 -25.09 5.39 -8.36
CA VAL A 98 -24.69 4.11 -8.96
C VAL A 98 -23.23 3.82 -8.65
N THR A 99 -22.38 4.84 -8.82
CA THR A 99 -20.94 4.71 -8.55
C THR A 99 -20.73 4.22 -7.14
N THR A 100 -21.35 4.92 -6.19
CA THR A 100 -21.25 4.56 -4.78
C THR A 100 -21.81 3.17 -4.53
N THR A 101 -22.93 2.86 -5.17
CA THR A 101 -23.53 1.54 -5.00
C THR A 101 -22.59 0.46 -5.56
N LEU A 102 -22.00 0.71 -6.72
CA LEU A 102 -21.12 -0.30 -7.33
C LEU A 102 -19.92 -0.67 -6.44
N TRP A 103 -19.36 0.30 -5.75
CA TRP A 103 -18.23 0.03 -4.87
C TRP A 103 -18.65 -0.83 -3.68
N GLU A 104 -19.83 -0.59 -3.12
CA GLU A 104 -20.30 -1.39 -1.99
C GLU A 104 -20.61 -2.82 -2.42
N TRP A 105 -21.23 -2.98 -3.58
CA TRP A 105 -21.55 -4.32 -4.08
C TRP A 105 -20.26 -5.06 -4.44
N GLY A 106 -19.34 -4.34 -5.07
CA GLY A 106 -18.07 -4.92 -5.50
C GLY A 106 -17.32 -5.61 -4.38
N SER A 107 -17.33 -5.02 -3.19
CA SER A 107 -16.63 -5.60 -2.04
C SER A 107 -17.28 -6.92 -1.66
N ILE A 108 -18.60 -6.92 -1.59
CA ILE A 108 -19.34 -8.13 -1.24
C ILE A 108 -19.21 -9.17 -2.36
N TRP A 109 -19.21 -8.71 -3.61
CA TRP A 109 -19.07 -9.61 -4.76
C TRP A 109 -17.80 -10.47 -4.64
N LYS A 110 -16.69 -9.88 -4.21
CA LYS A 110 -15.45 -10.64 -4.06
C LYS A 110 -15.57 -11.71 -2.97
N GLN A 111 -16.30 -11.41 -1.91
CA GLN A 111 -16.50 -12.38 -0.83
C GLN A 111 -17.42 -13.49 -1.33
N LEU A 112 -18.36 -13.14 -2.20
CA LEU A 112 -19.26 -14.14 -2.77
C LEU A 112 -18.40 -15.07 -3.63
N TYR A 113 -17.43 -14.48 -4.31
CA TYR A 113 -16.53 -15.26 -5.17
C TYR A 113 -15.71 -16.28 -4.35
N VAL A 114 -15.04 -15.80 -3.32
CA VAL A 114 -14.18 -16.63 -2.48
C VAL A 114 -14.93 -17.77 -1.78
N ALA A 115 -16.19 -17.53 -1.45
CA ALA A 115 -17.00 -18.53 -0.79
C ALA A 115 -17.74 -19.40 -1.79
N SER A 116 -17.54 -19.13 -3.07
CA SER A 116 -18.20 -19.88 -4.13
C SER A 116 -19.73 -19.90 -4.01
N LYS A 117 -20.32 -18.78 -3.63
CA LYS A 117 -21.79 -18.66 -3.56
C LYS A 117 -22.11 -18.36 -5.01
N LYS A 118 -22.06 -19.38 -5.87
CA LYS A 118 -22.22 -19.18 -7.29
C LYS A 118 -23.43 -18.44 -7.81
N GLU A 119 -24.62 -18.72 -7.26
CA GLU A 119 -25.83 -18.07 -7.73
C GLU A 119 -25.83 -16.57 -7.43
N ARG A 120 -25.49 -16.23 -6.21
CA ARG A 120 -25.47 -14.84 -5.77
C ARG A 120 -24.34 -14.10 -6.49
N PHE A 121 -23.22 -14.79 -6.68
CA PHE A 121 -22.09 -14.17 -7.36
C PHE A 121 -22.51 -13.75 -8.77
N LEU A 122 -23.13 -14.67 -9.49
CA LEU A 122 -23.59 -14.40 -10.85
C LEU A 122 -24.65 -13.30 -10.88
N GLN A 123 -25.62 -13.41 -9.98
CA GLN A 123 -26.69 -12.42 -9.89
C GLN A 123 -26.10 -11.03 -9.67
N VAL A 124 -25.18 -10.91 -8.72
CA VAL A 124 -24.57 -9.61 -8.46
C VAL A 124 -23.74 -9.16 -9.67
N GLN A 125 -23.06 -10.09 -10.32
CA GLN A 125 -22.25 -9.75 -11.49
C GLN A 125 -23.10 -9.10 -12.59
N SER A 126 -24.28 -9.64 -12.83
CA SER A 126 -25.13 -9.12 -13.90
C SER A 126 -25.70 -7.75 -13.54
N MSE A 127 -26.06 -7.57 -12.28
CA MSE A 127 -26.62 -6.32 -11.81
C MSE A 127 -25.57 -5.23 -11.94
O MSE A 127 -25.89 -4.10 -12.30
CB MSE A 127 -27.08 -6.44 -10.36
CG MSE A 127 -28.26 -7.40 -10.18
SE MSE A 127 -28.80 -7.43 -8.30
CE MSE A 127 -30.04 -5.97 -8.36
N MSE A 128 -24.32 -5.57 -11.64
CA MSE A 128 -23.25 -4.59 -11.75
C MSE A 128 -23.03 -4.21 -13.21
O MSE A 128 -22.92 -3.03 -13.52
CB MSE A 128 -21.96 -5.11 -11.10
CG MSE A 128 -22.01 -5.10 -9.56
SE MSE A 128 -20.43 -5.93 -8.74
CE MSE A 128 -20.63 -7.69 -9.50
N TYR A 129 -22.98 -5.19 -14.11
CA TYR A 129 -22.81 -4.83 -15.52
C TYR A 129 -23.96 -3.95 -16.01
N ASP A 130 -25.19 -4.34 -15.68
CA ASP A 130 -26.36 -3.57 -16.10
C ASP A 130 -26.27 -2.13 -15.60
N LEU A 131 -25.99 -1.96 -14.31
CA LEU A 131 -25.92 -0.61 -13.73
C LEU A 131 -24.81 0.22 -14.35
N MSE A 132 -23.67 -0.39 -14.62
CA MSE A 132 -22.57 0.35 -15.24
C MSE A 132 -23.03 0.80 -16.63
O MSE A 132 -22.80 1.94 -17.03
CB MSE A 132 -21.34 -0.55 -15.37
CG MSE A 132 -20.78 -0.99 -14.02
SE MSE A 132 -19.25 -2.17 -14.26
CE MSE A 132 -18.40 -1.16 -15.66
N GLU A 133 -23.66 -0.10 -17.37
CA GLU A 133 -24.14 0.26 -18.71
C GLU A 133 -25.23 1.35 -18.66
N TRP A 134 -26.18 1.21 -17.75
CA TRP A 134 -27.26 2.19 -17.63
C TRP A 134 -26.74 3.55 -17.17
N ARG A 135 -25.79 3.54 -16.24
CA ARG A 135 -25.20 4.76 -15.75
C ARG A 135 -24.55 5.45 -16.94
N SER A 136 -23.86 4.68 -17.77
CA SER A 136 -23.22 5.26 -18.94
C SER A 136 -24.29 5.86 -19.86
N GLN A 137 -25.43 5.19 -20.00
CA GLN A 137 -26.49 5.73 -20.84
C GLN A 137 -27.04 7.00 -20.21
N LEU A 138 -27.18 7.00 -18.90
CA LEU A 138 -27.68 8.16 -18.18
C LEU A 138 -26.78 9.37 -18.40
N LEU A 139 -25.47 9.15 -18.38
CA LEU A 139 -24.52 10.24 -18.55
C LEU A 139 -24.27 10.59 -20.01
N SER A 140 -24.82 9.83 -20.94
CA SER A 140 -24.60 10.08 -22.36
C SER A 140 -25.32 11.31 -22.91
N GLY A 141 -26.47 11.66 -22.31
CA GLY A 141 -27.25 12.78 -22.79
C GLY A 141 -27.79 12.47 -24.17
N THR A 142 -27.90 11.19 -24.48
CA THR A 142 -28.38 10.75 -25.78
C THR A 142 -29.79 10.16 -25.77
N LEU A 143 -30.39 10.05 -24.59
CA LEU A 143 -31.72 9.49 -24.51
C LEU A 143 -32.86 10.49 -24.55
N PRO A 144 -33.88 10.22 -25.38
CA PRO A 144 -35.01 11.15 -25.41
C PRO A 144 -35.68 11.14 -24.04
N LYS A 145 -36.42 12.19 -23.74
CA LYS A 145 -37.11 12.39 -22.48
C LYS A 145 -37.88 11.19 -21.88
N ASP A 146 -38.76 10.60 -22.66
CA ASP A 146 -39.58 9.49 -22.17
C ASP A 146 -38.75 8.26 -21.82
N GLU A 147 -37.83 7.90 -22.71
CA GLU A 147 -36.97 6.74 -22.49
C GLU A 147 -36.10 6.96 -21.24
N LEU A 148 -35.58 8.17 -21.09
CA LEU A 148 -34.74 8.49 -19.94
C LEU A 148 -35.48 8.25 -18.63
N LYS A 149 -36.75 8.63 -18.60
CA LYS A 149 -37.55 8.44 -17.39
C LYS A 149 -37.70 6.96 -17.08
N GLU A 150 -37.98 6.15 -18.10
CA GLU A 150 -38.10 4.70 -17.90
C GLU A 150 -36.73 4.13 -17.47
N LEU A 151 -35.64 4.66 -18.03
CA LEU A 151 -34.31 4.16 -17.65
C LEU A 151 -34.00 4.46 -16.18
N LYS A 152 -34.32 5.66 -15.73
CA LYS A 152 -34.08 6.03 -14.33
C LYS A 152 -34.77 5.08 -13.38
N GLN A 153 -35.97 4.65 -13.75
CA GLN A 153 -36.74 3.72 -12.94
C GLN A 153 -36.12 2.33 -12.91
N LYS A 154 -35.61 1.87 -14.04
CA LYS A 154 -34.95 0.57 -14.07
C LYS A 154 -33.72 0.64 -13.15
N VAL A 155 -33.05 1.77 -13.16
CA VAL A 155 -31.83 1.97 -12.35
C VAL A 155 -32.14 1.95 -10.85
N THR A 156 -33.08 2.77 -10.42
CA THR A 156 -33.44 2.83 -9.01
C THR A 156 -34.00 1.49 -8.50
N SER A 157 -34.73 0.78 -9.36
CA SER A 157 -35.27 -0.52 -8.96
C SER A 157 -34.16 -1.55 -8.73
N LYS A 158 -33.17 -1.59 -9.62
CA LYS A 158 -32.07 -2.54 -9.46
C LYS A 158 -31.20 -2.17 -8.24
N ILE A 159 -30.92 -0.89 -8.05
CA ILE A 159 -30.16 -0.45 -6.88
C ILE A 159 -30.89 -0.93 -5.62
N ASP A 160 -32.17 -0.59 -5.51
CA ASP A 160 -32.93 -0.99 -4.33
C ASP A 160 -33.03 -2.50 -4.14
N TYR A 161 -33.29 -3.25 -5.20
CA TYR A 161 -33.39 -4.69 -5.05
C TYR A 161 -32.02 -5.23 -4.62
N GLY A 162 -30.98 -4.80 -5.32
CA GLY A 162 -29.65 -5.28 -4.99
C GLY A 162 -29.32 -5.00 -3.53
N ASN A 163 -29.56 -3.78 -3.09
CA ASN A 163 -29.27 -3.42 -1.71
C ASN A 163 -30.06 -4.29 -0.75
N LYS A 164 -31.26 -4.66 -1.16
CA LYS A 164 -32.10 -5.51 -0.31
C LYS A 164 -31.54 -6.92 -0.16
N ILE A 165 -31.25 -7.61 -1.26
CA ILE A 165 -30.77 -8.98 -1.15
C ILE A 165 -29.37 -9.07 -0.55
N LEU A 166 -28.61 -7.99 -0.63
CA LEU A 166 -27.26 -8.01 -0.08
C LEU A 166 -27.33 -7.49 1.35
N GLU A 167 -28.53 -7.16 1.81
CA GLU A 167 -28.76 -6.66 3.16
C GLU A 167 -28.04 -5.35 3.44
N LEU A 168 -28.12 -4.41 2.50
CA LEU A 168 -27.48 -3.12 2.68
C LEU A 168 -28.56 -2.09 3.07
N ASP A 169 -28.16 -0.85 3.35
CA ASP A 169 -29.13 0.16 3.75
C ASP A 169 -30.13 0.47 2.64
N LEU A 170 -31.41 0.50 3.01
CA LEU A 170 -32.50 0.78 2.07
C LEU A 170 -32.63 2.28 1.77
N ILE A 171 -32.29 2.67 0.55
CA ILE A 171 -32.36 4.07 0.13
C ILE A 171 -33.79 4.57 0.02
N VAL A 172 -33.97 5.88 0.18
CA VAL A 172 -35.28 6.52 0.07
C VAL A 172 -35.18 7.59 -1.02
N ARG A 173 -36.08 7.52 -2.00
CA ARG A 173 -36.09 8.45 -3.13
C ARG A 173 -35.53 9.84 -2.85
N ASP A 174 -34.85 10.40 -3.85
CA ASP A 174 -34.26 11.74 -3.75
C ASP A 174 -34.50 12.52 -5.04
N SER B 6 -4.61 -0.01 -21.97
CA SER B 6 -3.77 1.18 -22.28
C SER B 6 -2.57 1.29 -21.34
N GLY B 7 -1.65 2.19 -21.69
CA GLY B 7 -0.45 2.38 -20.88
C GLY B 7 -0.75 2.46 -19.40
N PRO B 8 -1.45 3.52 -18.93
CA PRO B 8 -1.76 3.65 -17.51
C PRO B 8 -2.67 2.55 -16.98
N ILE B 9 -3.61 2.09 -17.81
CA ILE B 9 -4.53 1.04 -17.37
C ILE B 9 -3.75 -0.27 -17.14
N LEU B 10 -2.81 -0.56 -18.03
CA LEU B 10 -1.99 -1.77 -17.87
C LEU B 10 -1.23 -1.66 -16.55
N GLU B 11 -0.69 -0.47 -16.28
CA GLU B 11 0.06 -0.24 -15.05
C GLU B 11 -0.84 -0.53 -13.85
N LEU B 12 -2.09 -0.09 -13.93
CA LEU B 12 -3.03 -0.31 -12.85
C LEU B 12 -3.34 -1.81 -12.69
N LYS B 13 -3.45 -2.51 -13.82
CA LYS B 13 -3.74 -3.94 -13.77
C LYS B 13 -2.60 -4.65 -13.07
N GLU B 14 -1.36 -4.26 -13.36
CA GLU B 14 -0.20 -4.90 -12.75
C GLU B 14 -0.18 -4.69 -11.25
N LYS B 15 -0.67 -3.56 -10.79
CA LYS B 15 -0.70 -3.29 -9.36
C LYS B 15 -1.77 -4.10 -8.64
N ILE B 16 -2.91 -4.30 -9.28
CA ILE B 16 -4.01 -5.00 -8.65
C ILE B 16 -3.98 -6.52 -8.85
N GLN B 17 -3.40 -6.95 -9.96
CA GLN B 17 -3.36 -8.37 -10.27
C GLN B 17 -2.97 -9.29 -9.10
N PRO B 18 -1.97 -8.91 -8.28
CA PRO B 18 -1.56 -9.75 -7.15
C PRO B 18 -2.65 -10.05 -6.13
N GLU B 19 -3.40 -9.04 -5.74
CA GLU B 19 -4.46 -9.26 -4.76
C GLU B 19 -5.55 -10.13 -5.39
N ILE B 20 -5.77 -9.99 -6.69
CA ILE B 20 -6.81 -10.79 -7.33
C ILE B 20 -6.38 -12.27 -7.35
N LEU B 21 -5.11 -12.50 -7.68
CA LEU B 21 -4.60 -13.88 -7.69
C LEU B 21 -4.70 -14.48 -6.28
N GLU B 22 -4.63 -13.62 -5.27
CA GLU B 22 -4.72 -14.07 -3.89
C GLU B 22 -6.14 -14.55 -3.59
N LEU B 23 -7.15 -13.82 -4.07
CA LEU B 23 -8.55 -14.19 -3.85
C LEU B 23 -8.85 -15.50 -4.55
N ILE B 24 -8.29 -15.67 -5.73
CA ILE B 24 -8.49 -16.86 -6.52
C ILE B 24 -7.89 -18.07 -5.81
N LYS B 25 -6.69 -17.92 -5.26
CA LYS B 25 -6.06 -19.02 -4.53
C LYS B 25 -6.98 -19.41 -3.39
N GLN B 26 -7.46 -18.41 -2.65
CA GLN B 26 -8.38 -18.67 -1.54
C GLN B 26 -9.65 -19.40 -2.00
N GLN B 27 -10.17 -19.00 -3.16
CA GLN B 27 -11.39 -19.63 -3.66
C GLN B 27 -11.13 -21.10 -4.00
N ARG B 28 -9.99 -21.37 -4.64
CA ARG B 28 -9.64 -22.72 -5.04
C ARG B 28 -9.48 -23.65 -3.83
N LEU B 29 -8.80 -23.17 -2.81
CA LEU B 29 -8.58 -23.95 -1.60
C LEU B 29 -9.89 -24.22 -0.89
N ASN B 30 -10.76 -23.22 -0.83
CA ASN B 30 -12.06 -23.38 -0.19
C ASN B 30 -12.84 -24.47 -0.91
N ARG B 31 -12.67 -24.54 -2.22
CA ARG B 31 -13.34 -25.56 -3.03
C ARG B 31 -12.80 -26.94 -2.71
N LEU B 32 -11.48 -27.06 -2.54
CA LEU B 32 -10.87 -28.36 -2.23
C LEU B 32 -11.44 -28.86 -0.91
N VAL B 33 -11.52 -27.96 0.06
CA VAL B 33 -12.04 -28.25 1.39
C VAL B 33 -13.48 -28.77 1.29
N GLU B 34 -14.28 -28.18 0.38
CA GLU B 34 -15.66 -28.63 0.20
C GLU B 34 -15.61 -30.03 -0.39
N GLY B 35 -14.61 -30.28 -1.22
CA GLY B 35 -14.44 -31.59 -1.83
C GLY B 35 -15.28 -31.82 -3.06
N THR B 36 -14.88 -32.79 -3.88
CA THR B 36 -15.64 -33.09 -5.09
C THR B 36 -15.79 -34.59 -5.29
N CYS B 37 -16.79 -34.98 -6.07
CA CYS B 37 -17.06 -36.37 -6.34
C CYS B 37 -16.52 -36.75 -7.69
N PHE B 38 -15.70 -37.81 -7.73
CA PHE B 38 -15.10 -38.29 -8.97
C PHE B 38 -15.64 -39.67 -9.36
N ARG B 39 -15.48 -40.03 -10.62
CA ARG B 39 -15.91 -41.33 -11.13
C ARG B 39 -14.68 -42.08 -11.59
N LYS B 40 -14.38 -43.19 -10.93
CA LYS B 40 -13.22 -44.01 -11.27
C LYS B 40 -13.26 -44.47 -12.72
N LEU B 41 -12.09 -44.67 -13.32
CA LEU B 41 -12.03 -45.16 -14.69
C LEU B 41 -11.88 -46.68 -14.59
N ASN B 42 -12.67 -47.40 -15.37
CA ASN B 42 -12.61 -48.85 -15.39
C ASN B 42 -12.86 -49.52 -14.04
N ALA B 43 -13.94 -49.15 -13.36
CA ALA B 43 -14.31 -49.75 -12.09
C ALA B 43 -15.28 -50.88 -12.43
N ARG B 44 -15.09 -52.05 -11.82
CA ARG B 44 -15.96 -53.19 -12.11
C ARG B 44 -16.17 -54.15 -10.92
N ARG B 45 -16.79 -55.30 -11.18
CA ARG B 45 -17.05 -56.33 -10.16
C ARG B 45 -17.31 -55.74 -8.77
N ARG B 46 -18.51 -55.21 -8.59
CA ARG B 46 -18.95 -54.61 -7.33
C ARG B 46 -18.10 -53.54 -6.66
N GLN B 47 -17.19 -52.94 -7.42
CA GLN B 47 -16.36 -51.85 -6.88
C GLN B 47 -17.20 -50.59 -7.06
N ASP B 48 -17.23 -49.73 -6.06
CA ASP B 48 -17.97 -48.47 -6.17
C ASP B 48 -17.40 -47.72 -7.37
N LYS B 49 -18.28 -47.21 -8.23
CA LYS B 49 -17.85 -46.48 -9.41
C LYS B 49 -17.47 -45.04 -9.09
N PHE B 50 -17.97 -44.53 -7.98
CA PHE B 50 -17.67 -43.17 -7.57
C PHE B 50 -16.93 -43.10 -6.24
N TRP B 51 -16.11 -42.05 -6.10
CA TRP B 51 -15.36 -41.78 -4.89
C TRP B 51 -15.26 -40.27 -4.74
N TYR B 52 -14.70 -39.81 -3.63
CA TYR B 52 -14.57 -38.39 -3.37
C TYR B 52 -13.22 -38.08 -2.74
N CYS B 53 -12.84 -36.81 -2.79
CA CYS B 53 -11.61 -36.32 -2.18
C CYS B 53 -11.89 -34.91 -1.67
N ARG B 54 -11.31 -34.58 -0.52
CA ARG B 54 -11.49 -33.26 0.07
C ARG B 54 -10.25 -32.90 0.87
N LEU B 55 -9.95 -31.61 0.91
CA LEU B 55 -8.79 -31.10 1.62
C LEU B 55 -9.22 -30.71 3.03
N SER B 56 -8.39 -31.03 4.01
CA SER B 56 -8.69 -30.70 5.39
C SER B 56 -8.82 -29.19 5.55
N PRO B 57 -9.71 -28.74 6.46
CA PRO B 57 -9.94 -27.33 6.71
C PRO B 57 -8.68 -26.55 7.09
N ASN B 58 -7.64 -27.25 7.47
CA ASN B 58 -6.40 -26.57 7.86
C ASN B 58 -5.46 -26.56 6.66
N HIS B 59 -5.81 -27.34 5.64
CA HIS B 59 -5.05 -27.45 4.38
C HIS B 59 -3.81 -28.34 4.43
N LYS B 60 -3.80 -29.35 5.30
CA LYS B 60 -2.62 -30.21 5.37
C LYS B 60 -2.81 -31.63 4.85
N VAL B 61 -4.03 -32.13 4.86
CA VAL B 61 -4.27 -33.48 4.38
C VAL B 61 -5.49 -33.59 3.48
N LEU B 62 -5.43 -34.56 2.57
CA LEU B 62 -6.52 -34.81 1.64
C LEU B 62 -7.20 -36.11 2.08
N HIS B 63 -8.49 -36.03 2.34
CA HIS B 63 -9.27 -37.19 2.76
C HIS B 63 -10.02 -37.71 1.53
N TYR B 64 -10.05 -39.02 1.33
CA TYR B 64 -10.76 -39.58 0.18
C TYR B 64 -11.35 -40.96 0.46
N GLY B 65 -12.22 -41.43 -0.44
CA GLY B 65 -12.86 -42.74 -0.29
C GLY B 65 -14.01 -42.93 -1.26
N ASP B 66 -14.57 -44.15 -1.29
CA ASP B 66 -15.69 -44.47 -2.19
C ASP B 66 -17.01 -43.84 -1.78
N LEU B 67 -17.95 -43.84 -2.72
CA LEU B 67 -19.28 -43.29 -2.52
C LEU B 67 -20.37 -44.26 -2.99
N GLU B 68 -21.61 -43.95 -2.65
CA GLU B 68 -22.78 -44.74 -3.04
C GLU B 68 -23.71 -43.83 -3.83
N GLU B 69 -23.59 -43.87 -5.16
CA GLU B 69 -24.41 -43.03 -6.03
C GLU B 69 -25.81 -43.60 -6.25
N SER B 70 -26.78 -43.06 -5.52
CA SER B 70 -28.17 -43.51 -5.60
C SER B 70 -29.11 -42.32 -5.82
N PRO B 71 -30.39 -42.59 -6.13
CA PRO B 71 -31.37 -41.53 -6.35
C PRO B 71 -31.53 -40.64 -5.12
N GLN B 72 -31.33 -41.24 -3.94
CA GLN B 72 -31.45 -40.53 -2.67
C GLN B 72 -30.27 -39.60 -2.40
N GLY B 73 -29.05 -40.16 -2.40
CA GLY B 73 -27.89 -39.35 -2.14
C GLY B 73 -26.58 -39.93 -2.64
N GLU B 74 -25.58 -39.92 -1.77
CA GLU B 74 -24.25 -40.43 -2.09
C GLU B 74 -23.44 -40.65 -0.81
N VAL B 75 -23.84 -41.62 0.00
CA VAL B 75 -23.14 -41.89 1.24
C VAL B 75 -21.70 -42.36 1.03
N PRO B 76 -20.74 -41.65 1.63
CA PRO B 76 -19.31 -41.97 1.51
C PRO B 76 -18.84 -42.95 2.59
N HIS B 77 -18.26 -44.06 2.16
CA HIS B 77 -17.74 -45.05 3.10
C HIS B 77 -16.26 -45.28 2.81
N ASP B 78 -15.42 -44.76 3.69
CA ASP B 78 -13.98 -44.86 3.55
C ASP B 78 -13.43 -46.27 3.73
N SER B 79 -12.22 -46.47 3.24
CA SER B 79 -11.52 -47.75 3.33
C SER B 79 -10.31 -47.56 4.24
N LEU B 80 -9.45 -48.58 4.30
CA LEU B 80 -8.26 -48.50 5.14
C LEU B 80 -7.43 -47.31 4.67
N GLN B 81 -7.09 -47.29 3.38
CA GLN B 81 -6.34 -46.19 2.81
C GLN B 81 -7.36 -45.05 2.74
N ASP B 82 -7.14 -44.06 3.59
CA ASP B 82 -8.06 -42.94 3.79
C ASP B 82 -7.48 -41.55 3.53
N LYS B 83 -6.17 -41.39 3.69
CA LYS B 83 -5.58 -40.07 3.53
C LYS B 83 -4.31 -39.98 2.70
N LEU B 84 -3.96 -38.72 2.41
CA LEU B 84 -2.77 -38.38 1.65
C LEU B 84 -2.37 -37.00 2.14
N PRO B 85 -1.40 -36.92 3.08
CA PRO B 85 -0.95 -35.64 3.61
C PRO B 85 -0.32 -34.77 2.51
N VAL B 86 -0.61 -33.48 2.55
CA VAL B 86 -0.07 -32.56 1.54
C VAL B 86 1.46 -32.48 1.61
N ALA B 87 1.98 -32.27 2.81
CA ALA B 87 3.42 -32.16 3.04
C ALA B 87 4.22 -33.29 2.41
N ASP B 88 3.55 -34.41 2.12
CA ASP B 88 4.22 -35.56 1.51
C ASP B 88 4.03 -35.61 0.00
N ILE B 89 3.39 -34.59 -0.55
CA ILE B 89 3.17 -34.55 -1.99
C ILE B 89 4.45 -34.10 -2.69
N LYS B 90 4.86 -34.84 -3.71
CA LYS B 90 6.09 -34.51 -4.41
C LYS B 90 5.79 -33.92 -5.78
N ALA B 91 4.63 -34.23 -6.33
CA ALA B 91 4.27 -33.70 -7.65
C ALA B 91 2.83 -34.00 -8.06
N VAL B 92 2.38 -33.25 -9.07
CA VAL B 92 1.06 -33.41 -9.64
C VAL B 92 1.28 -33.47 -11.14
N VAL B 93 0.80 -34.54 -11.77
CA VAL B 93 0.97 -34.68 -13.19
C VAL B 93 -0.41 -34.73 -13.84
N THR B 94 -0.47 -34.40 -15.13
CA THR B 94 -1.74 -34.39 -15.85
C THR B 94 -1.56 -35.04 -17.21
N GLY B 95 -2.69 -35.41 -17.83
CA GLY B 95 -2.65 -36.02 -19.14
C GLY B 95 -1.82 -37.29 -19.25
N LYS B 96 -1.09 -37.42 -20.35
CA LYS B 96 -0.25 -38.58 -20.62
C LYS B 96 0.82 -38.82 -19.56
N ASP B 97 1.05 -37.82 -18.71
CA ASP B 97 2.04 -37.98 -17.65
C ASP B 97 1.44 -38.80 -16.53
N CYS B 98 0.12 -38.99 -16.58
CA CYS B 98 -0.58 -39.75 -15.56
C CYS B 98 -0.36 -41.26 -15.71
N PRO B 99 0.00 -41.93 -14.61
CA PRO B 99 0.25 -43.38 -14.61
C PRO B 99 -0.93 -44.19 -15.15
N HIS B 100 -2.14 -43.73 -14.85
CA HIS B 100 -3.34 -44.43 -15.30
C HIS B 100 -3.64 -44.11 -16.77
N MSE B 101 -2.69 -43.49 -17.45
CA MSE B 101 -2.88 -43.12 -18.85
C MSE B 101 -1.87 -43.83 -19.74
O MSE B 101 -2.24 -44.49 -20.71
CB MSE B 101 -2.75 -41.61 -19.03
CG MSE B 101 -3.78 -40.81 -18.25
SE MSE B 101 -5.58 -41.38 -18.65
CE MSE B 101 -6.14 -40.00 -19.85
N ASN B 110 -9.89 -43.48 -24.07
CA ASN B 110 -10.41 -42.31 -24.75
C ASN B 110 -9.35 -41.23 -24.86
N LYS B 111 -9.83 -40.00 -25.09
CA LYS B 111 -8.98 -38.82 -25.19
C LYS B 111 -9.67 -37.72 -24.41
N GLU B 112 -11.00 -37.83 -24.32
CA GLU B 112 -11.82 -36.89 -23.59
C GLU B 112 -11.41 -36.97 -22.13
N VAL B 113 -10.85 -38.12 -21.74
CA VAL B 113 -10.42 -38.33 -20.37
C VAL B 113 -9.02 -37.77 -20.11
N LEU B 114 -8.19 -37.75 -21.16
CA LEU B 114 -6.83 -37.22 -21.04
C LEU B 114 -6.90 -35.82 -20.47
N GLU B 115 -7.82 -35.03 -21.03
CA GLU B 115 -8.02 -33.65 -20.63
C GLU B 115 -8.53 -33.49 -19.20
N LEU B 116 -9.07 -34.56 -18.63
CA LEU B 116 -9.60 -34.48 -17.27
C LEU B 116 -8.82 -35.30 -16.27
N ALA B 117 -7.70 -35.88 -16.72
CA ALA B 117 -6.86 -36.71 -15.87
C ALA B 117 -5.70 -35.97 -15.21
N PHE B 118 -5.51 -36.24 -13.92
CA PHE B 118 -4.43 -35.65 -13.13
C PHE B 118 -4.11 -36.58 -11.95
N SER B 119 -2.84 -36.63 -11.55
CA SER B 119 -2.40 -37.50 -10.46
C SER B 119 -1.51 -36.83 -9.42
N ILE B 120 -1.72 -37.23 -8.16
CA ILE B 120 -0.93 -36.72 -7.05
C ILE B 120 0.10 -37.79 -6.70
N LEU B 121 1.36 -37.51 -6.98
CA LEU B 121 2.45 -38.45 -6.68
C LEU B 121 3.05 -38.03 -5.35
N TYR B 122 3.18 -38.99 -4.44
CA TYR B 122 3.73 -38.69 -3.12
C TYR B 122 4.56 -39.84 -2.57
N ASP B 123 5.16 -39.61 -1.40
CA ASP B 123 5.99 -40.60 -0.73
C ASP B 123 6.88 -41.37 -1.68
N SER B 124 6.97 -42.67 -1.45
CA SER B 124 7.80 -43.56 -2.26
C SER B 124 7.39 -43.59 -3.73
N ASN B 125 6.54 -44.54 -4.07
CA ASN B 125 6.07 -44.72 -5.44
C ASN B 125 4.54 -44.63 -5.44
N CYS B 126 4.00 -44.05 -4.38
CA CYS B 126 2.55 -43.90 -4.22
C CYS B 126 1.94 -42.84 -5.13
N GLN B 127 0.71 -43.08 -5.56
CA GLN B 127 0.03 -42.17 -6.47
C GLN B 127 -1.49 -42.23 -6.32
N LEU B 128 -2.12 -41.05 -6.29
CA LEU B 128 -3.57 -40.98 -6.19
C LEU B 128 -4.00 -40.43 -7.54
N ASN B 129 -4.69 -41.25 -8.31
CA ASN B 129 -5.14 -40.86 -9.64
C ASN B 129 -6.60 -40.42 -9.68
N PHE B 130 -6.86 -39.33 -10.41
CA PHE B 130 -8.20 -38.77 -10.55
C PHE B 130 -8.61 -38.61 -12.00
N ILE B 131 -9.92 -38.51 -12.21
CA ILE B 131 -10.52 -38.25 -13.51
C ILE B 131 -11.60 -37.23 -13.16
N ALA B 132 -11.30 -35.95 -13.38
CA ALA B 132 -12.23 -34.87 -13.05
C ALA B 132 -13.58 -35.06 -13.71
N PRO B 133 -14.66 -34.76 -12.99
CA PRO B 133 -15.99 -34.92 -13.58
C PRO B 133 -16.20 -34.02 -14.80
N ASP B 134 -15.50 -32.89 -14.84
CA ASP B 134 -15.60 -31.95 -15.96
C ASP B 134 -14.42 -30.98 -15.99
N LYS B 135 -14.30 -30.21 -17.07
CA LYS B 135 -13.20 -29.28 -17.22
C LYS B 135 -13.12 -28.33 -16.05
N HIS B 136 -14.26 -27.83 -15.61
CA HIS B 136 -14.31 -26.90 -14.48
C HIS B 136 -13.62 -27.50 -13.26
N GLU B 137 -14.01 -28.70 -12.85
CA GLU B 137 -13.40 -29.34 -11.68
C GLU B 137 -11.91 -29.64 -11.86
N TYR B 138 -11.55 -29.93 -13.10
CA TYR B 138 -10.17 -30.21 -13.47
C TYR B 138 -9.33 -28.98 -13.13
N CYS B 139 -9.82 -27.81 -13.54
CA CYS B 139 -9.12 -26.54 -13.28
C CYS B 139 -9.10 -26.26 -11.79
N ILE B 140 -10.24 -26.44 -11.12
CA ILE B 140 -10.28 -26.18 -9.70
C ILE B 140 -9.21 -27.00 -8.95
N TRP B 141 -9.13 -28.29 -9.24
CA TRP B 141 -8.17 -29.16 -8.55
C TRP B 141 -6.71 -28.92 -8.94
N THR B 142 -6.43 -28.83 -10.24
CA THR B 142 -5.06 -28.56 -10.64
C THR B 142 -4.59 -27.21 -10.07
N ASP B 143 -5.45 -26.19 -10.08
CA ASP B 143 -5.05 -24.90 -9.51
C ASP B 143 -4.86 -25.02 -8.00
N GLY B 144 -5.80 -25.71 -7.34
CA GLY B 144 -5.71 -25.87 -5.91
C GLY B 144 -4.46 -26.60 -5.46
N LEU B 145 -4.17 -27.72 -6.09
CA LEU B 145 -2.99 -28.50 -5.72
C LEU B 145 -1.73 -27.66 -5.93
N ASN B 146 -1.62 -27.02 -7.09
CA ASN B 146 -0.46 -26.19 -7.34
C ASN B 146 -0.32 -25.14 -6.26
N ALA B 147 -1.41 -24.46 -5.92
CA ALA B 147 -1.34 -23.45 -4.87
C ALA B 147 -0.71 -24.09 -3.64
N LEU B 148 -1.28 -25.20 -3.19
CA LEU B 148 -0.77 -25.91 -2.02
C LEU B 148 0.72 -26.18 -2.15
N LEU B 149 1.13 -26.59 -3.35
CA LEU B 149 2.54 -26.88 -3.66
C LEU B 149 3.36 -25.61 -3.91
N GLY B 150 2.79 -24.46 -3.56
CA GLY B 150 3.48 -23.19 -3.78
C GLY B 150 3.81 -22.91 -5.23
N LYS B 151 3.01 -23.47 -6.14
CA LYS B 151 3.23 -23.24 -7.57
C LYS B 151 2.11 -22.36 -8.16
N ASP B 152 2.39 -21.74 -9.30
CA ASP B 152 1.44 -20.86 -9.97
C ASP B 152 0.25 -21.63 -10.54
N MSE B 153 -0.92 -21.00 -10.49
CA MSE B 153 -2.12 -21.62 -11.01
C MSE B 153 -2.24 -21.27 -12.49
O MSE B 153 -2.35 -20.11 -12.86
CB MSE B 153 -3.33 -21.11 -10.24
CG MSE B 153 -3.18 -21.35 -8.76
SE MSE B 153 -4.59 -20.55 -7.75
CE MSE B 153 -5.16 -22.07 -6.73
N MSE B 154 -2.22 -22.31 -13.32
CA MSE B 154 -2.23 -22.17 -14.77
C MSE B 154 -3.52 -22.50 -15.54
O MSE B 154 -3.52 -22.38 -16.75
CB MSE B 154 -1.14 -23.07 -15.37
CG MSE B 154 0.19 -23.01 -14.66
SE MSE B 154 0.98 -21.29 -14.89
CE MSE B 154 0.97 -21.23 -16.83
N SER B 155 -4.58 -22.92 -14.88
CA SER B 155 -5.78 -23.29 -15.64
C SER B 155 -6.46 -22.14 -16.37
N ASP B 156 -7.28 -22.50 -17.35
CA ASP B 156 -8.04 -21.53 -18.10
C ASP B 156 -9.08 -20.87 -17.19
N LEU B 157 -9.43 -21.53 -16.10
CA LEU B 157 -10.42 -20.95 -15.19
C LEU B 157 -9.77 -19.83 -14.39
N THR B 158 -8.48 -19.97 -14.09
CA THR B 158 -7.78 -18.91 -13.36
C THR B 158 -7.67 -17.69 -14.27
N ARG B 159 -7.40 -17.95 -15.55
CA ARG B 159 -7.28 -16.87 -16.52
C ARG B 159 -8.63 -16.16 -16.67
N ASN B 160 -9.71 -16.93 -16.71
CA ASN B 160 -11.02 -16.31 -16.87
C ASN B 160 -11.46 -15.63 -15.58
N ASP B 161 -11.22 -16.26 -14.43
CA ASP B 161 -11.59 -15.63 -13.14
C ASP B 161 -10.80 -14.34 -12.97
N LEU B 162 -9.53 -14.37 -13.38
CA LEU B 162 -8.68 -13.20 -13.27
C LEU B 162 -9.27 -12.07 -14.11
N ASP B 163 -9.59 -12.37 -15.36
CA ASP B 163 -10.15 -11.41 -16.30
C ASP B 163 -11.49 -10.86 -15.78
N THR B 164 -12.31 -11.74 -15.22
CA THR B 164 -13.61 -11.33 -14.67
C THR B 164 -13.45 -10.36 -13.49
N LEU B 165 -12.70 -10.77 -12.47
CA LEU B 165 -12.52 -9.94 -11.28
C LEU B 165 -11.68 -8.69 -11.52
N LEU B 166 -10.61 -8.83 -12.31
CA LEU B 166 -9.73 -7.70 -12.59
C LEU B 166 -10.43 -6.66 -13.49
N SER B 167 -11.15 -7.14 -14.49
CA SER B 167 -11.86 -6.20 -15.37
C SER B 167 -12.87 -5.41 -14.55
N MSE B 168 -13.57 -6.08 -13.63
CA MSE B 168 -14.57 -5.35 -12.82
C MSE B 168 -13.91 -4.25 -11.99
O MSE B 168 -14.40 -3.13 -11.95
CB MSE B 168 -15.33 -6.28 -11.87
CG MSE B 168 -16.52 -5.59 -11.17
SE MSE B 168 -18.05 -5.29 -12.38
CE MSE B 168 -18.82 -7.07 -12.19
N GLU B 169 -12.80 -4.59 -11.35
CA GLU B 169 -12.06 -3.64 -10.51
C GLU B 169 -11.63 -2.41 -11.33
N ILE B 170 -11.11 -2.66 -12.52
CA ILE B 170 -10.69 -1.60 -13.41
C ILE B 170 -11.87 -0.70 -13.75
N LYS B 171 -12.97 -1.30 -14.22
CA LYS B 171 -14.18 -0.55 -14.61
C LYS B 171 -14.68 0.31 -13.45
N LEU B 172 -14.66 -0.26 -12.24
CA LEU B 172 -15.07 0.48 -11.06
C LEU B 172 -14.10 1.66 -10.86
N ARG B 173 -12.81 1.43 -11.07
CA ARG B 173 -11.78 2.45 -10.91
C ARG B 173 -11.91 3.58 -11.91
N LEU B 174 -12.37 3.24 -13.12
CA LEU B 174 -12.50 4.24 -14.18
C LEU B 174 -13.88 4.89 -14.30
N LEU B 175 -14.79 4.60 -13.38
CA LEU B 175 -16.14 5.15 -13.49
C LEU B 175 -16.21 6.65 -13.75
N ASP B 176 -15.41 7.42 -13.02
CA ASP B 176 -15.45 8.85 -13.20
C ASP B 176 -14.63 9.39 -14.36
N LEU B 177 -14.15 8.48 -15.20
CA LEU B 177 -13.37 8.90 -16.36
C LEU B 177 -14.30 8.81 -17.56
N GLU B 178 -15.59 8.61 -17.27
CA GLU B 178 -16.61 8.49 -18.32
C GLU B 178 -16.65 9.74 -19.19
N ASN B 179 -16.55 9.56 -20.51
CA ASN B 179 -16.62 10.65 -21.47
C ASN B 179 -15.45 11.62 -21.37
N ILE B 180 -14.38 11.18 -20.70
CA ILE B 180 -13.19 12.00 -20.54
C ILE B 180 -12.03 11.33 -21.28
N GLN B 181 -11.29 12.13 -22.03
CA GLN B 181 -10.16 11.65 -22.82
C GLN B 181 -8.97 11.19 -21.98
N ILE B 182 -8.45 10.00 -22.27
CA ILE B 182 -7.29 9.49 -21.55
C ILE B 182 -6.09 9.66 -22.49
N PRO B 183 -5.10 10.45 -22.07
CA PRO B 183 -3.91 10.67 -22.92
C PRO B 183 -3.18 9.37 -23.22
N ASP B 184 -2.52 9.31 -24.36
CA ASP B 184 -1.77 8.11 -24.74
C ASP B 184 -0.47 8.03 -23.95
N ALA B 185 0.25 9.14 -23.90
CA ALA B 185 1.52 9.21 -23.19
C ALA B 185 1.38 9.98 -21.88
N PRO B 186 2.33 9.77 -20.95
CA PRO B 186 2.30 10.45 -19.65
C PRO B 186 2.30 11.97 -19.76
N PRO B 187 1.31 12.64 -19.15
CA PRO B 187 1.31 14.10 -19.24
C PRO B 187 2.66 14.60 -18.71
N PRO B 188 3.05 15.83 -19.05
CA PRO B 188 4.34 16.34 -18.57
C PRO B 188 4.34 16.67 -17.07
N ILE B 189 5.35 16.18 -16.37
CA ILE B 189 5.52 16.43 -14.95
C ILE B 189 6.27 17.76 -14.83
N PRO B 190 5.63 18.80 -14.27
CA PRO B 190 6.25 20.12 -14.12
C PRO B 190 7.30 20.15 -13.02
N LYS B 191 8.09 21.22 -13.00
CA LYS B 191 9.11 21.39 -11.98
C LYS B 191 8.35 21.54 -10.63
N GLU B 192 8.95 21.04 -9.55
CA GLU B 192 8.36 21.11 -8.20
C GLU B 192 8.11 22.58 -7.83
N PRO B 193 7.20 22.85 -6.87
CA PRO B 193 6.90 24.23 -6.45
C PRO B 193 8.13 24.94 -5.88
N SER B 194 8.12 26.26 -5.96
CA SER B 194 9.23 27.08 -5.45
C SER B 194 9.05 27.30 -3.96
N ASN B 195 7.90 26.90 -3.43
CA ASN B 195 7.65 27.06 -1.99
C ASN B 195 6.50 26.15 -1.53
N TYR B 196 6.39 25.97 -0.22
CA TYR B 196 5.40 25.09 0.36
C TYR B 196 4.65 25.73 1.49
N ASP B 197 4.45 27.03 1.37
CA ASP B 197 3.73 27.75 2.40
C ASP B 197 2.25 27.70 2.00
N PHE B 198 1.62 26.61 2.39
CA PHE B 198 0.21 26.35 2.07
C PHE B 198 -0.75 27.26 2.82
N VAL B 199 -1.92 27.45 2.23
CA VAL B 199 -2.94 28.30 2.83
C VAL B 199 -3.71 27.59 3.94
N TYR B 200 -3.99 26.30 3.73
CA TYR B 200 -4.76 25.52 4.70
C TYR B 200 -3.97 24.41 5.42
N ASP B 201 -4.61 23.81 6.42
CA ASP B 201 -3.99 22.73 7.18
C ASP B 201 -4.25 21.37 6.57
N CYS B 202 -3.66 20.33 7.17
CA CYS B 202 -3.80 18.96 6.70
C CYS B 202 -5.05 18.27 7.26
N ASN B 203 -5.32 17.09 6.72
CA ASN B 203 -6.46 16.28 7.13
C ASN B 203 -7.77 17.04 7.02
N GLY C 7 48.23 -4.57 -6.12
CA GLY C 7 47.33 -5.71 -5.73
C GLY C 7 47.77 -6.38 -4.46
N MSE C 8 48.88 -5.92 -3.90
CA MSE C 8 49.44 -6.47 -2.67
C MSE C 8 49.99 -5.30 -1.87
O MSE C 8 50.81 -5.45 -0.97
CB MSE C 8 50.55 -7.45 -3.00
CG MSE C 8 51.03 -8.25 -1.80
SE MSE C 8 52.62 -9.29 -2.22
CE MSE C 8 53.92 -8.19 -1.29
N ALA C 9 49.51 -4.11 -2.21
CA ALA C 9 49.93 -2.89 -1.55
C ALA C 9 49.47 -2.81 -0.10
N PRO C 10 50.20 -2.06 0.72
CA PRO C 10 49.83 -1.91 2.12
C PRO C 10 48.78 -0.80 2.20
N TRP C 11 48.17 -0.62 3.36
CA TRP C 11 47.22 0.46 3.53
C TRP C 11 48.07 1.72 3.66
N ARG C 12 47.60 2.83 3.10
CA ARG C 12 48.33 4.08 3.14
C ARG C 12 47.41 5.25 3.50
N LYS C 13 47.94 6.22 4.24
CA LYS C 13 47.16 7.40 4.63
C LYS C 13 46.54 8.04 3.40
N ALA C 14 45.32 8.54 3.56
CA ALA C 14 44.67 9.22 2.45
C ALA C 14 45.29 10.61 2.44
N ASP C 15 45.71 11.07 1.27
CA ASP C 15 46.33 12.39 1.18
C ASP C 15 45.47 13.33 0.34
N LYS C 16 45.07 12.85 -0.84
CA LYS C 16 44.26 13.64 -1.75
C LYS C 16 42.83 13.79 -1.23
N GLU C 17 41.97 12.84 -1.57
CA GLU C 17 40.57 12.89 -1.14
C GLU C 17 40.48 12.81 0.38
N ARG C 18 39.67 13.67 0.97
CA ARG C 18 39.51 13.67 2.42
C ARG C 18 38.09 13.28 2.82
N HIS C 19 37.13 13.70 2.02
CA HIS C 19 35.73 13.41 2.27
C HIS C 19 35.05 13.02 0.98
N GLY C 20 33.93 12.32 1.11
CA GLY C 20 33.17 11.92 -0.06
C GLY C 20 31.76 11.54 0.34
N VAL C 21 30.92 11.33 -0.67
CA VAL C 21 29.54 10.94 -0.43
C VAL C 21 29.27 9.70 -1.26
N ALA C 22 28.44 8.82 -0.72
CA ALA C 22 28.10 7.57 -1.37
C ALA C 22 27.06 7.81 -2.44
N ILE C 23 27.34 7.36 -3.66
CA ILE C 23 26.41 7.55 -4.78
C ILE C 23 25.48 6.37 -4.97
N TYR C 24 25.70 5.32 -4.18
CA TYR C 24 24.87 4.13 -4.26
C TYR C 24 25.01 3.41 -2.95
N ASN C 25 24.07 2.53 -2.63
CA ASN C 25 24.16 1.81 -1.37
C ASN C 25 25.17 0.70 -1.53
N PHE C 26 26.05 0.56 -0.55
CA PHE C 26 27.05 -0.50 -0.57
C PHE C 26 26.69 -1.43 0.56
N GLN C 27 26.30 -2.65 0.22
CA GLN C 27 25.95 -3.65 1.22
C GLN C 27 27.20 -4.45 1.47
N GLY C 28 27.84 -4.24 2.60
CA GLY C 28 29.03 -4.99 2.90
C GLY C 28 28.70 -6.30 3.57
N SER C 29 29.69 -7.17 3.71
CA SER C 29 29.49 -8.48 4.32
C SER C 29 29.80 -8.46 5.82
N GLY C 30 29.79 -7.28 6.42
CA GLY C 30 30.06 -7.15 7.85
C GLY C 30 31.45 -6.63 8.12
N ALA C 31 31.70 -6.12 9.32
CA ALA C 31 33.04 -5.61 9.66
C ALA C 31 34.04 -6.63 9.15
N PRO C 32 35.22 -6.19 8.69
CA PRO C 32 35.71 -4.80 8.60
C PRO C 32 35.07 -3.91 7.53
N GLN C 33 34.19 -4.48 6.70
CA GLN C 33 33.51 -3.69 5.67
C GLN C 33 32.42 -2.82 6.31
N LEU C 34 32.34 -1.56 5.88
CA LEU C 34 31.32 -0.66 6.42
C LEU C 34 30.25 -0.46 5.36
N SER C 35 29.05 -0.95 5.63
CA SER C 35 27.98 -0.78 4.66
C SER C 35 27.62 0.71 4.58
N LEU C 36 27.20 1.16 3.41
CA LEU C 36 26.83 2.57 3.25
C LEU C 36 25.45 2.68 2.60
N GLN C 37 24.77 3.77 2.92
CA GLN C 37 23.45 4.08 2.36
C GLN C 37 23.70 5.27 1.43
N ILE C 38 22.92 5.39 0.36
CA ILE C 38 23.12 6.49 -0.58
C ILE C 38 23.08 7.81 0.19
N GLY C 39 23.97 8.74 -0.19
CA GLY C 39 24.01 10.01 0.51
C GLY C 39 24.94 10.07 1.71
N ASP C 40 25.38 8.92 2.25
CA ASP C 40 26.27 8.94 3.41
C ASP C 40 27.53 9.72 3.14
N VAL C 41 27.83 10.67 4.00
CA VAL C 41 29.04 11.45 3.81
C VAL C 41 30.10 10.77 4.67
N VAL C 42 31.25 10.55 4.08
CA VAL C 42 32.31 9.87 4.77
C VAL C 42 33.60 10.64 4.81
N ARG C 43 34.38 10.32 5.84
CA ARG C 43 35.71 10.84 5.99
C ARG C 43 36.59 9.67 5.50
N ILE C 44 37.40 9.92 4.48
CA ILE C 44 38.28 8.89 3.94
C ILE C 44 39.66 8.97 4.63
N GLN C 45 39.99 7.93 5.39
CA GLN C 45 41.25 7.90 6.12
C GLN C 45 42.41 7.22 5.42
N GLU C 46 42.12 6.12 4.75
CA GLU C 46 43.15 5.34 4.10
C GLU C 46 42.71 4.78 2.77
N THR C 47 43.70 4.31 2.03
CA THR C 47 43.52 3.74 0.71
C THR C 47 44.33 2.47 0.57
N CYS C 48 43.82 1.55 -0.24
CA CYS C 48 44.50 0.30 -0.53
C CYS C 48 43.83 -0.29 -1.76
N GLY C 49 44.50 -0.16 -2.90
CA GLY C 49 43.92 -0.68 -4.13
C GLY C 49 42.61 0.01 -4.47
N ASP C 50 41.56 -0.77 -4.68
CA ASP C 50 40.25 -0.24 -5.01
C ASP C 50 39.34 0.03 -3.80
N TRP C 51 39.92 0.14 -2.61
CA TRP C 51 39.16 0.39 -1.39
C TRP C 51 39.65 1.57 -0.58
N TYR C 52 38.72 2.15 0.19
CA TYR C 52 39.05 3.22 1.13
C TYR C 52 38.75 2.64 2.50
N ARG C 53 39.27 3.27 3.55
CA ARG C 53 38.90 2.89 4.89
C ARG C 53 38.53 4.27 5.45
N GLY C 54 37.41 4.35 6.16
CA GLY C 54 36.97 5.61 6.73
C GLY C 54 35.77 5.44 7.65
N TYR C 55 35.11 6.55 7.96
CA TYR C 55 33.96 6.52 8.84
C TYR C 55 32.90 7.54 8.43
N LEU C 56 31.69 7.35 8.94
CA LEU C 56 30.57 8.25 8.66
C LEU C 56 30.74 9.51 9.48
N ILE C 57 30.82 10.64 8.80
CA ILE C 57 30.99 11.93 9.48
C ILE C 57 29.94 12.16 10.56
N LYS C 58 28.71 11.71 10.31
CA LYS C 58 27.63 11.89 11.27
C LYS C 58 27.63 10.84 12.36
N HIS C 59 28.42 9.78 12.18
CA HIS C 59 28.52 8.70 13.15
C HIS C 59 29.93 8.14 13.06
N LYS C 60 30.84 8.86 13.69
CA LYS C 60 32.25 8.55 13.68
C LYS C 60 32.67 7.19 14.24
N MSE C 61 31.87 6.59 15.10
CA MSE C 61 32.24 5.29 15.65
C MSE C 61 32.02 4.18 14.61
O MSE C 61 32.53 3.07 14.78
CB MSE C 61 31.43 4.97 16.91
CG MSE C 61 31.66 5.95 18.07
SE MSE C 61 33.55 6.06 18.61
CE MSE C 61 34.09 7.66 17.71
N LEU C 62 31.27 4.49 13.56
CA LEU C 62 30.96 3.54 12.49
C LEU C 62 32.04 3.72 11.45
N GLN C 63 32.99 2.79 11.44
CA GLN C 63 34.17 2.88 10.59
C GLN C 63 34.50 1.55 9.95
N GLY C 64 35.04 1.59 8.74
CA GLY C 64 35.40 0.37 8.06
C GLY C 64 35.79 0.66 6.62
N ILE C 65 35.81 -0.38 5.79
CA ILE C 65 36.22 -0.21 4.42
C ILE C 65 35.03 -0.28 3.48
N PHE C 66 35.14 0.43 2.37
CA PHE C 66 34.12 0.48 1.33
C PHE C 66 34.86 0.80 0.04
N PRO C 67 34.30 0.40 -1.11
CA PRO C 67 34.88 0.63 -2.45
C PRO C 67 34.98 2.07 -2.89
N LYS C 68 36.07 2.43 -3.55
CA LYS C 68 36.23 3.78 -4.06
C LYS C 68 35.15 4.09 -5.11
N SER C 69 34.71 3.05 -5.81
CA SER C 69 33.72 3.20 -6.87
C SER C 69 32.33 3.59 -6.39
N PHE C 70 32.11 3.55 -5.07
CA PHE C 70 30.82 3.92 -4.52
C PHE C 70 30.87 5.32 -3.96
N ILE C 71 32.05 5.94 -4.07
CA ILE C 71 32.24 7.24 -3.49
C ILE C 71 32.53 8.37 -4.47
N HIS C 72 31.90 9.50 -4.23
CA HIS C 72 32.14 10.69 -5.03
C HIS C 72 32.88 11.62 -4.08
N ILE C 73 34.14 11.93 -4.39
CA ILE C 73 34.94 12.78 -3.55
C ILE C 73 34.34 14.19 -3.50
N LYS C 74 34.07 14.68 -2.31
CA LYS C 74 33.47 16.00 -2.15
C LYS C 74 34.11 16.82 -1.03
N GLU C 75 33.76 18.10 -0.98
CA GLU C 75 34.27 19.02 0.03
C GLU C 75 33.25 19.26 1.14
N VAL C 76 33.76 19.56 2.33
CA VAL C 76 32.90 19.83 3.49
C VAL C 76 33.51 20.91 4.39
N THR C 77 34.47 21.65 3.84
CA THR C 77 35.13 22.72 4.57
C THR C 77 34.12 23.72 5.14
N PRO C 89 26.58 36.32 -0.67
CA PRO C 89 27.95 36.14 -0.17
C PRO C 89 28.25 34.69 0.19
N ALA C 90 27.71 34.24 1.31
CA ALA C 90 27.90 32.86 1.76
C ALA C 90 27.02 31.96 0.90
N GLU C 91 27.55 31.52 -0.24
CA GLU C 91 26.78 30.67 -1.15
C GLU C 91 26.92 29.20 -0.83
N ILE C 92 28.12 28.66 -1.00
CA ILE C 92 28.34 27.26 -0.69
C ILE C 92 28.26 27.05 0.82
N PRO C 93 28.68 28.03 1.63
CA PRO C 93 28.60 27.82 3.08
C PRO C 93 27.17 27.95 3.61
N LEU C 94 26.35 28.78 2.97
CA LEU C 94 24.97 28.94 3.42
C LEU C 94 24.23 27.61 3.15
N ALA C 95 24.51 27.02 1.99
CA ALA C 95 23.92 25.75 1.61
C ALA C 95 24.30 24.74 2.67
N GLN C 96 25.51 24.90 3.21
CA GLN C 96 26.01 24.02 4.25
C GLN C 96 25.27 24.29 5.58
N GLU C 97 25.02 25.56 5.86
CA GLU C 97 24.31 25.90 7.09
C GLU C 97 22.87 25.37 6.96
N VAL C 98 22.31 25.41 5.76
CA VAL C 98 20.97 24.88 5.55
C VAL C 98 20.95 23.40 5.89
N THR C 99 21.95 22.66 5.44
CA THR C 99 22.02 21.23 5.71
C THR C 99 22.06 20.96 7.20
N THR C 100 22.93 21.66 7.91
CA THR C 100 23.04 21.47 9.36
C THR C 100 21.74 21.89 10.06
N THR C 101 21.14 22.98 9.58
CA THR C 101 19.90 23.45 10.17
C THR C 101 18.81 22.39 9.96
N LEU C 102 18.74 21.84 8.75
CA LEU C 102 17.73 20.84 8.46
C LEU C 102 17.81 19.63 9.37
N TRP C 103 19.03 19.12 9.57
CA TRP C 103 19.16 17.96 10.44
C TRP C 103 18.71 18.32 11.85
N GLU C 104 19.01 19.55 12.28
CA GLU C 104 18.61 19.99 13.62
C GLU C 104 17.09 20.10 13.74
N TRP C 105 16.47 20.75 12.75
CA TRP C 105 15.02 20.91 12.78
C TRP C 105 14.32 19.55 12.70
N GLY C 106 14.86 18.65 11.88
CA GLY C 106 14.28 17.32 11.70
C GLY C 106 14.13 16.52 12.99
N SER C 107 15.11 16.64 13.88
CA SER C 107 15.09 15.94 15.17
C SER C 107 13.97 16.52 16.04
N ILE C 108 13.87 17.84 16.04
CA ILE C 108 12.81 18.47 16.81
C ILE C 108 11.44 18.21 16.17
N TRP C 109 11.41 18.15 14.84
CA TRP C 109 10.16 17.91 14.11
C TRP C 109 9.52 16.59 14.55
N LYS C 110 10.33 15.54 14.67
CA LYS C 110 9.83 14.23 15.10
C LYS C 110 9.28 14.33 16.53
N GLN C 111 9.90 15.16 17.36
CA GLN C 111 9.45 15.33 18.74
C GLN C 111 8.09 15.99 18.73
N LEU C 112 7.92 16.95 17.83
CA LEU C 112 6.65 17.65 17.72
C LEU C 112 5.59 16.64 17.26
N TYR C 113 5.96 15.80 16.30
CA TYR C 113 5.04 14.80 15.81
C TYR C 113 4.57 13.92 16.97
N VAL C 114 5.50 13.17 17.57
CA VAL C 114 5.16 12.26 18.66
C VAL C 114 4.34 12.89 19.78
N ALA C 115 4.48 14.20 19.98
CA ALA C 115 3.73 14.88 21.03
C ALA C 115 2.46 15.55 20.52
N SER C 116 2.16 15.37 19.23
CA SER C 116 0.98 15.97 18.61
C SER C 116 0.86 17.49 18.72
N LYS C 117 1.99 18.18 18.58
CA LYS C 117 2.00 19.64 18.61
C LYS C 117 1.68 19.99 17.14
N LYS C 118 0.43 19.76 16.74
CA LYS C 118 -0.03 19.98 15.37
C LYS C 118 0.47 21.24 14.65
N GLU C 119 0.09 22.40 15.17
CA GLU C 119 0.48 23.68 14.59
C GLU C 119 1.98 23.77 14.29
N ARG C 120 2.79 23.58 15.33
CA ARG C 120 4.24 23.65 15.19
C ARG C 120 4.77 22.65 14.18
N PHE C 121 4.23 21.45 14.25
CA PHE C 121 4.64 20.36 13.35
C PHE C 121 4.46 20.76 11.87
N LEU C 122 3.28 21.28 11.53
CA LEU C 122 3.00 21.68 10.14
C LEU C 122 3.83 22.88 9.74
N GLN C 123 4.03 23.79 10.68
CA GLN C 123 4.81 24.99 10.41
C GLN C 123 6.25 24.60 10.09
N VAL C 124 6.83 23.74 10.92
CA VAL C 124 8.20 23.30 10.70
C VAL C 124 8.30 22.46 9.43
N GLN C 125 7.25 21.69 9.13
CA GLN C 125 7.26 20.85 7.94
C GLN C 125 7.48 21.71 6.72
N SER C 126 6.67 22.78 6.61
CA SER C 126 6.79 23.71 5.50
C SER C 126 8.10 24.47 5.48
N MSE C 127 8.60 24.89 6.64
CA MSE C 127 9.88 25.62 6.65
C MSE C 127 10.98 24.70 6.14
O MSE C 127 11.89 25.15 5.43
CB MSE C 127 10.24 26.08 8.06
CG MSE C 127 9.20 26.94 8.74
SE MSE C 127 9.91 27.77 10.34
CE MSE C 127 10.61 26.21 11.25
N MSE C 128 10.92 23.42 6.52
CA MSE C 128 11.91 22.45 6.06
C MSE C 128 11.82 22.28 4.55
O MSE C 128 12.85 22.27 3.87
CB MSE C 128 11.72 21.10 6.78
CG MSE C 128 12.25 21.10 8.23
SE MSE C 128 11.98 19.44 9.20
CE MSE C 128 13.46 18.46 8.38
N TYR C 129 10.60 22.15 4.03
CA TYR C 129 10.42 22.02 2.59
C TYR C 129 10.99 23.24 1.87
N ASP C 130 10.69 24.43 2.40
CA ASP C 130 11.19 25.67 1.81
C ASP C 130 12.73 25.69 1.75
N LEU C 131 13.38 25.39 2.87
CA LEU C 131 14.85 25.39 2.89
C LEU C 131 15.44 24.40 1.91
N MSE C 132 14.86 23.20 1.83
CA MSE C 132 15.38 22.19 0.91
C MSE C 132 15.27 22.71 -0.51
O MSE C 132 16.25 22.73 -1.25
CB MSE C 132 14.60 20.88 1.05
CG MSE C 132 14.72 20.28 2.40
SE MSE C 132 13.62 18.73 2.67
CE MSE C 132 14.88 17.66 3.72
N GLU C 133 14.07 23.15 -0.89
CA GLU C 133 13.84 23.69 -2.23
C GLU C 133 14.73 24.89 -2.54
N TRP C 134 14.87 25.80 -1.59
CA TRP C 134 15.69 27.00 -1.79
C TRP C 134 17.18 26.67 -1.86
N ARG C 135 17.63 25.72 -1.06
CA ARG C 135 19.03 25.29 -1.09
C ARG C 135 19.26 24.71 -2.49
N SER C 136 18.35 23.84 -2.92
CA SER C 136 18.44 23.25 -4.24
C SER C 136 18.55 24.36 -5.30
N GLN C 137 17.73 25.39 -5.17
CA GLN C 137 17.78 26.50 -6.11
C GLN C 137 19.10 27.26 -6.03
N LEU C 138 19.60 27.47 -4.82
CA LEU C 138 20.86 28.19 -4.65
C LEU C 138 22.03 27.40 -5.28
N LEU C 139 21.98 26.08 -5.20
CA LEU C 139 23.05 25.25 -5.75
C LEU C 139 22.79 24.80 -7.19
N SER C 140 21.69 25.23 -7.79
CA SER C 140 21.38 24.80 -9.15
C SER C 140 22.20 25.52 -10.21
N GLY C 141 22.65 26.74 -9.91
CA GLY C 141 23.40 27.53 -10.86
C GLY C 141 22.47 28.02 -11.95
N THR C 142 21.17 28.05 -11.66
CA THR C 142 20.16 28.45 -12.63
C THR C 142 19.56 29.85 -12.44
N LEU C 143 19.80 30.46 -11.28
CA LEU C 143 19.24 31.77 -11.00
C LEU C 143 20.15 32.95 -11.29
N PRO C 144 19.61 34.03 -11.86
CA PRO C 144 20.40 35.23 -12.18
C PRO C 144 20.86 35.85 -10.86
N LYS C 145 21.92 36.65 -10.90
CA LYS C 145 22.44 37.28 -9.70
C LYS C 145 21.35 37.92 -8.85
N ASP C 146 20.49 38.69 -9.50
CA ASP C 146 19.40 39.38 -8.82
C ASP C 146 18.54 38.47 -7.96
N GLU C 147 17.98 37.43 -8.56
CA GLU C 147 17.12 36.52 -7.82
C GLU C 147 17.88 35.71 -6.78
N LEU C 148 19.16 35.45 -7.04
CA LEU C 148 19.99 34.69 -6.11
C LEU C 148 20.17 35.46 -4.80
N LYS C 149 20.32 36.78 -4.93
CA LYS C 149 20.50 37.62 -3.75
C LYS C 149 19.26 37.62 -2.89
N GLU C 150 18.10 37.68 -3.52
CA GLU C 150 16.86 37.70 -2.78
C GLU C 150 16.61 36.36 -2.11
N LEU C 151 17.00 35.29 -2.79
CA LEU C 151 16.79 33.95 -2.25
C LEU C 151 17.63 33.73 -0.99
N LYS C 152 18.86 34.24 -0.99
CA LYS C 152 19.72 34.10 0.18
C LYS C 152 19.06 34.79 1.37
N GLN C 153 18.51 35.98 1.11
CA GLN C 153 17.82 36.73 2.16
C GLN C 153 16.65 35.91 2.71
N LYS C 154 15.88 35.28 1.83
CA LYS C 154 14.76 34.46 2.26
C LYS C 154 15.26 33.28 3.08
N VAL C 155 16.37 32.70 2.63
CA VAL C 155 16.94 31.57 3.34
C VAL C 155 17.44 31.93 4.74
N THR C 156 18.20 33.00 4.85
CA THR C 156 18.74 33.39 6.15
C THR C 156 17.63 33.83 7.09
N SER C 157 16.64 34.55 6.57
CA SER C 157 15.51 34.98 7.38
C SER C 157 14.78 33.77 7.93
N LYS C 158 14.57 32.77 7.07
CA LYS C 158 13.88 31.56 7.48
C LYS C 158 14.71 30.81 8.51
N ILE C 159 16.01 30.65 8.25
CA ILE C 159 16.86 29.96 9.20
C ILE C 159 16.75 30.65 10.55
N ASP C 160 16.97 31.97 10.55
CA ASP C 160 16.93 32.69 11.81
C ASP C 160 15.56 32.66 12.48
N TYR C 161 14.48 32.74 11.70
CA TYR C 161 13.16 32.69 12.30
C TYR C 161 12.95 31.32 12.91
N GLY C 162 13.24 30.29 12.13
CA GLY C 162 13.08 28.93 12.61
C GLY C 162 13.86 28.63 13.88
N ASN C 163 15.14 28.99 13.92
CA ASN C 163 15.94 28.71 15.11
C ASN C 163 15.34 29.41 16.32
N LYS C 164 14.85 30.62 16.11
CA LYS C 164 14.25 31.38 17.18
C LYS C 164 13.02 30.69 17.76
N ILE C 165 12.08 30.24 16.93
CA ILE C 165 10.89 29.61 17.48
C ILE C 165 11.09 28.19 17.99
N LEU C 166 12.14 27.52 17.53
CA LEU C 166 12.42 26.18 18.01
C LEU C 166 13.43 26.27 19.15
N GLU C 167 13.66 27.50 19.60
CA GLU C 167 14.59 27.80 20.70
C GLU C 167 15.95 27.14 20.55
N LEU C 168 16.60 27.40 19.41
CA LEU C 168 17.91 26.86 19.11
C LEU C 168 18.95 27.98 19.10
N ASP C 169 18.83 28.90 20.06
CA ASP C 169 19.77 30.02 20.16
C ASP C 169 19.51 31.01 19.04
N SER D 5 17.84 6.96 -8.68
CA SER D 5 17.59 5.51 -8.85
C SER D 5 16.87 4.90 -7.64
N SER D 6 15.74 4.24 -7.91
CA SER D 6 14.91 3.62 -6.88
C SER D 6 15.60 2.59 -6.00
N GLY D 7 16.50 1.79 -6.58
CA GLY D 7 17.19 0.77 -5.81
C GLY D 7 17.70 1.28 -4.48
N PRO D 8 18.61 2.27 -4.51
CA PRO D 8 19.17 2.84 -3.28
C PRO D 8 18.08 3.40 -2.36
N ILE D 9 17.13 4.14 -2.92
CA ILE D 9 16.08 4.71 -2.11
C ILE D 9 15.23 3.62 -1.47
N LEU D 10 14.95 2.57 -2.23
CA LEU D 10 14.16 1.45 -1.74
C LEU D 10 14.89 0.82 -0.56
N GLU D 11 16.21 0.71 -0.68
CA GLU D 11 17.02 0.13 0.38
C GLU D 11 16.97 1.04 1.60
N LEU D 12 17.15 2.34 1.36
CA LEU D 12 17.13 3.31 2.44
C LEU D 12 15.80 3.27 3.19
N LYS D 13 14.69 3.15 2.45
CA LYS D 13 13.36 3.09 3.06
C LYS D 13 13.19 1.90 3.98
N GLU D 14 13.59 0.73 3.50
CA GLU D 14 13.47 -0.50 4.27
C GLU D 14 14.27 -0.37 5.56
N LYS D 15 15.45 0.23 5.44
CA LYS D 15 16.33 0.43 6.58
C LYS D 15 15.80 1.46 7.59
N ILE D 16 14.97 2.39 7.13
CA ILE D 16 14.44 3.43 8.03
C ILE D 16 12.98 3.27 8.42
N GLN D 17 12.21 2.58 7.59
CA GLN D 17 10.79 2.40 7.88
C GLN D 17 10.51 1.94 9.31
N PRO D 18 11.32 1.00 9.84
CA PRO D 18 11.12 0.51 11.20
C PRO D 18 11.07 1.60 12.29
N GLU D 19 12.08 2.47 12.33
CA GLU D 19 12.06 3.51 13.36
C GLU D 19 10.84 4.42 13.25
N ILE D 20 10.43 4.72 12.02
CA ILE D 20 9.28 5.60 11.79
C ILE D 20 7.99 4.99 12.37
N LEU D 21 7.75 3.72 12.07
CA LEU D 21 6.55 3.05 12.56
C LEU D 21 6.46 3.10 14.08
N GLU D 22 7.61 2.96 14.74
CA GLU D 22 7.66 3.02 16.21
C GLU D 22 7.36 4.44 16.64
N LEU D 23 7.89 5.40 15.89
CA LEU D 23 7.65 6.82 16.16
C LEU D 23 6.13 7.07 16.08
N ILE D 24 5.50 6.48 15.05
CA ILE D 24 4.05 6.62 14.87
C ILE D 24 3.33 5.91 16.01
N LYS D 25 3.83 4.72 16.36
CA LYS D 25 3.23 3.95 17.45
C LYS D 25 3.19 4.81 18.70
N GLN D 26 4.32 5.44 19.03
CA GLN D 26 4.42 6.31 20.20
C GLN D 26 3.42 7.47 20.16
N GLN D 27 3.32 8.12 19.01
CA GLN D 27 2.40 9.24 18.85
C GLN D 27 0.95 8.82 19.13
N ARG D 28 0.58 7.66 18.61
CA ARG D 28 -0.77 7.15 18.79
C ARG D 28 -1.04 6.87 20.27
N LEU D 29 -0.12 6.15 20.91
CA LEU D 29 -0.28 5.84 22.32
C LEU D 29 -0.37 7.10 23.17
N ASN D 30 0.52 8.06 22.91
CA ASN D 30 0.48 9.31 23.67
C ASN D 30 -0.90 9.94 23.54
N ARG D 31 -1.47 9.83 22.35
CA ARG D 31 -2.80 10.41 22.12
C ARG D 31 -3.83 9.67 22.97
N LEU D 32 -3.73 8.35 23.02
CA LEU D 32 -4.66 7.57 23.83
C LEU D 32 -4.53 7.96 25.30
N VAL D 33 -3.30 7.97 25.80
CA VAL D 33 -3.04 8.35 27.19
C VAL D 33 -3.68 9.71 27.47
N GLU D 34 -3.53 10.62 26.53
CA GLU D 34 -4.10 11.95 26.65
C GLU D 34 -5.62 11.82 26.67
N GLY D 35 -6.14 10.83 25.95
CA GLY D 35 -7.58 10.60 25.92
C GLY D 35 -8.37 11.39 24.90
N THR D 36 -9.54 10.86 24.55
CA THR D 36 -10.44 11.50 23.58
C THR D 36 -11.89 11.32 24.01
N CYS D 37 -12.70 12.37 23.81
CA CYS D 37 -14.11 12.33 24.19
C CYS D 37 -15.02 11.82 23.08
N PHE D 38 -15.54 10.61 23.24
CA PHE D 38 -16.43 10.02 22.25
C PHE D 38 -17.86 10.51 22.44
N ARG D 39 -18.81 9.78 21.88
CA ARG D 39 -20.22 10.14 21.98
C ARG D 39 -21.09 8.91 21.74
N LYS D 40 -22.28 8.89 22.35
CA LYS D 40 -23.18 7.75 22.19
C LYS D 40 -24.49 8.17 21.49
N PHE D 50 -22.18 11.38 25.44
CA PHE D 50 -20.83 11.93 25.49
C PHE D 50 -19.98 11.34 26.62
N TRP D 51 -19.07 10.44 26.26
CA TRP D 51 -18.19 9.84 27.27
C TRP D 51 -16.71 10.04 26.94
N TYR D 52 -15.84 9.60 27.85
CA TYR D 52 -14.41 9.76 27.66
C TYR D 52 -13.60 8.49 27.93
N CYS D 53 -12.65 8.19 27.06
CA CYS D 53 -11.80 7.01 27.25
C CYS D 53 -10.36 7.52 27.30
N ARG D 54 -9.51 6.82 28.06
CA ARG D 54 -8.12 7.23 28.24
C ARG D 54 -7.24 6.02 28.54
N LEU D 55 -5.97 6.09 28.11
CA LEU D 55 -5.02 5.01 28.35
C LEU D 55 -4.10 5.37 29.52
N SER D 56 -3.79 4.37 30.33
CA SER D 56 -2.92 4.56 31.49
C SER D 56 -1.49 4.84 31.04
N PRO D 57 -0.79 5.71 31.78
CA PRO D 57 0.59 6.06 31.45
C PRO D 57 1.49 4.86 31.20
N ASN D 58 1.17 3.73 31.83
CA ASN D 58 1.98 2.52 31.66
C ASN D 58 1.48 1.70 30.47
N HIS D 59 0.37 2.14 29.88
CA HIS D 59 -0.25 1.47 28.72
C HIS D 59 -0.81 0.08 29.01
N LYS D 60 -1.41 -0.10 30.19
CA LYS D 60 -1.98 -1.40 30.53
C LYS D 60 -3.42 -1.33 31.00
N VAL D 61 -3.97 -0.13 31.09
CA VAL D 61 -5.35 0.02 31.53
C VAL D 61 -6.05 1.19 30.84
N LEU D 62 -7.28 0.95 30.41
CA LEU D 62 -8.09 1.97 29.74
C LEU D 62 -9.11 2.50 30.73
N HIS D 63 -9.02 3.78 31.05
CA HIS D 63 -9.96 4.39 31.99
C HIS D 63 -11.05 5.11 31.22
N TYR D 64 -12.31 4.76 31.48
CA TYR D 64 -13.41 5.41 30.79
C TYR D 64 -14.64 5.65 31.66
N GLY D 65 -15.26 6.82 31.46
CA GLY D 65 -16.45 7.19 32.20
C GLY D 65 -17.28 8.13 31.35
N ASP D 66 -18.30 8.76 31.93
CA ASP D 66 -19.14 9.70 31.17
C ASP D 66 -18.54 11.10 31.18
N ASP D 82 -14.50 3.68 35.40
CA ASP D 82 -14.40 2.29 34.96
C ASP D 82 -12.97 1.93 34.58
N LYS D 83 -12.70 0.63 34.45
CA LYS D 83 -11.38 0.14 34.08
C LYS D 83 -11.49 -0.92 33.00
N LEU D 84 -10.40 -1.17 32.29
CA LEU D 84 -10.38 -2.17 31.22
C LEU D 84 -8.95 -2.57 30.88
N PRO D 85 -8.50 -3.73 31.39
CA PRO D 85 -7.17 -4.28 31.16
C PRO D 85 -6.86 -4.50 29.69
N VAL D 86 -5.73 -3.99 29.24
CA VAL D 86 -5.31 -4.14 27.85
C VAL D 86 -5.05 -5.60 27.51
N ALA D 87 -4.16 -6.23 28.28
CA ALA D 87 -3.81 -7.63 28.05
C ALA D 87 -5.03 -8.55 28.13
N ASP D 88 -6.18 -7.97 28.47
CA ASP D 88 -7.41 -8.75 28.58
C ASP D 88 -8.39 -8.46 27.44
N ILE D 89 -7.90 -7.78 26.40
CA ILE D 89 -8.72 -7.45 25.25
C ILE D 89 -8.65 -8.55 24.20
N LYS D 90 -9.81 -9.13 23.87
CA LYS D 90 -9.88 -10.20 22.89
C LYS D 90 -9.45 -9.71 21.52
N ALA D 91 -10.20 -8.76 20.98
CA ALA D 91 -9.91 -8.19 19.67
C ALA D 91 -10.80 -6.97 19.44
N VAL D 92 -10.34 -6.04 18.62
CA VAL D 92 -11.09 -4.82 18.32
C VAL D 92 -11.89 -5.02 17.03
N VAL D 93 -13.14 -4.56 17.04
CA VAL D 93 -13.99 -4.71 15.87
C VAL D 93 -14.35 -3.38 15.23
N THR D 94 -14.55 -3.42 13.92
CA THR D 94 -14.90 -2.24 13.15
C THR D 94 -16.00 -2.55 12.15
N GLY D 95 -16.67 -1.50 11.68
CA GLY D 95 -17.74 -1.68 10.72
C GLY D 95 -18.88 -2.55 11.20
N LYS D 96 -19.42 -3.36 10.30
CA LYS D 96 -20.53 -4.24 10.62
C LYS D 96 -20.12 -5.29 11.64
N ASP D 97 -18.81 -5.44 11.84
CA ASP D 97 -18.32 -6.41 12.82
C ASP D 97 -18.68 -5.89 14.20
N CYS D 98 -18.88 -4.58 14.31
CA CYS D 98 -19.24 -3.96 15.57
C CYS D 98 -20.61 -4.47 16.01
N PRO D 99 -20.63 -5.30 17.07
CA PRO D 99 -21.85 -5.89 17.62
C PRO D 99 -22.92 -4.90 18.09
N HIS D 100 -22.64 -3.61 17.93
CA HIS D 100 -23.59 -2.59 18.35
C HIS D 100 -24.35 -2.00 17.16
N MSE D 101 -24.51 -2.80 16.12
CA MSE D 101 -25.23 -2.37 14.91
C MSE D 101 -25.14 -3.42 13.80
O MSE D 101 -24.06 -3.81 13.38
CB MSE D 101 -24.70 -1.04 14.40
CG MSE D 101 -23.17 -0.94 14.35
SE MSE D 101 -22.55 0.75 13.65
CE MSE D 101 -23.30 1.93 14.97
N ASN D 110 -27.44 5.77 9.17
CA ASN D 110 -26.30 6.46 8.58
C ASN D 110 -25.17 5.48 8.35
N LYS D 111 -24.31 5.78 7.38
CA LYS D 111 -23.16 4.94 7.10
C LYS D 111 -21.92 5.75 7.42
N GLU D 112 -22.16 6.99 7.83
CA GLU D 112 -21.08 7.90 8.22
C GLU D 112 -20.54 7.36 9.53
N VAL D 113 -21.43 6.78 10.33
CA VAL D 113 -21.08 6.22 11.62
C VAL D 113 -20.45 4.84 11.46
N LEU D 114 -21.03 4.03 10.59
CA LEU D 114 -20.53 2.68 10.34
C LEU D 114 -19.03 2.75 10.00
N GLU D 115 -18.59 3.91 9.54
CA GLU D 115 -17.20 4.12 9.16
C GLU D 115 -16.37 4.66 10.33
N LEU D 116 -17.07 5.19 11.34
CA LEU D 116 -16.41 5.76 12.51
C LEU D 116 -16.60 4.88 13.75
N ALA D 117 -17.43 3.84 13.61
CA ALA D 117 -17.73 2.95 14.72
C ALA D 117 -16.78 1.77 14.84
N PHE D 118 -16.26 1.58 16.04
CA PHE D 118 -15.35 0.48 16.34
C PHE D 118 -15.65 0.04 17.77
N SER D 119 -15.24 -1.16 18.13
CA SER D 119 -15.51 -1.66 19.47
C SER D 119 -14.46 -2.64 19.98
N ILE D 120 -14.18 -2.52 21.28
CA ILE D 120 -13.21 -3.38 21.94
C ILE D 120 -13.94 -4.60 22.50
N LEU D 121 -13.42 -5.79 22.19
CA LEU D 121 -14.00 -7.03 22.68
C LEU D 121 -13.12 -7.64 23.75
N TYR D 122 -13.73 -8.02 24.87
CA TYR D 122 -13.00 -8.61 25.99
C TYR D 122 -13.88 -9.55 26.81
N ASP D 123 -13.23 -10.37 27.63
CA ASP D 123 -13.90 -11.33 28.50
C ASP D 123 -14.91 -12.20 27.75
N SER D 124 -15.95 -12.61 28.45
CA SER D 124 -17.01 -13.44 27.88
C SER D 124 -17.70 -12.74 26.73
N ASN D 125 -18.85 -12.13 27.01
CA ASN D 125 -19.61 -11.40 26.01
C ASN D 125 -19.51 -9.92 26.33
N CYS D 126 -18.30 -9.46 26.61
CA CYS D 126 -18.07 -8.06 26.95
C CYS D 126 -17.55 -7.28 25.74
N GLN D 127 -18.07 -6.07 25.57
CA GLN D 127 -17.66 -5.22 24.46
C GLN D 127 -17.78 -3.76 24.84
N LEU D 128 -16.88 -2.93 24.31
CA LEU D 128 -16.91 -1.51 24.57
C LEU D 128 -17.18 -0.85 23.22
N ASN D 129 -18.32 -0.18 23.10
CA ASN D 129 -18.70 0.46 21.85
C ASN D 129 -18.55 1.97 21.80
N PHE D 130 -17.83 2.45 20.80
CA PHE D 130 -17.65 3.88 20.61
C PHE D 130 -17.64 4.28 19.14
N ILE D 131 -18.10 5.50 18.91
CA ILE D 131 -18.16 6.09 17.58
C ILE D 131 -17.19 7.28 17.60
N ALA D 132 -16.15 7.20 16.79
CA ALA D 132 -15.16 8.26 16.72
C ALA D 132 -15.77 9.57 16.26
N PRO D 133 -15.32 10.69 16.84
CA PRO D 133 -15.88 11.99 16.41
C PRO D 133 -15.68 12.17 14.90
N ASP D 134 -14.47 11.85 14.43
CA ASP D 134 -14.13 11.98 13.01
C ASP D 134 -13.20 10.86 12.53
N LYS D 135 -12.92 10.84 11.22
CA LYS D 135 -12.06 9.81 10.62
C LYS D 135 -10.63 9.90 11.11
N HIS D 136 -10.30 11.03 11.71
CA HIS D 136 -8.97 11.27 12.25
C HIS D 136 -8.86 10.42 13.52
N GLU D 137 -9.78 10.66 14.45
CA GLU D 137 -9.81 9.91 15.72
C GLU D 137 -9.97 8.42 15.45
N TYR D 138 -10.83 8.09 14.50
CA TYR D 138 -11.08 6.70 14.15
C TYR D 138 -9.76 6.00 13.85
N CYS D 139 -8.90 6.69 13.11
CA CYS D 139 -7.60 6.15 12.74
C CYS D 139 -6.65 6.13 13.93
N ILE D 140 -6.74 7.15 14.78
CA ILE D 140 -5.87 7.22 15.94
C ILE D 140 -6.09 6.03 16.88
N TRP D 141 -7.34 5.78 17.23
CA TRP D 141 -7.66 4.67 18.13
C TRP D 141 -7.56 3.30 17.47
N THR D 142 -7.87 3.24 16.18
CA THR D 142 -7.79 2.00 15.42
C THR D 142 -6.35 1.51 15.43
N ASP D 143 -5.42 2.42 15.16
CA ASP D 143 -4.00 2.07 15.15
C ASP D 143 -3.49 1.87 16.57
N GLY D 144 -3.95 2.73 17.47
CA GLY D 144 -3.53 2.65 18.86
C GLY D 144 -3.85 1.31 19.47
N LEU D 145 -5.13 0.97 19.51
CA LEU D 145 -5.56 -0.30 20.08
C LEU D 145 -4.83 -1.46 19.40
N ASN D 146 -4.77 -1.42 18.07
CA ASN D 146 -4.09 -2.48 17.33
C ASN D 146 -2.66 -2.66 17.80
N ALA D 147 -1.94 -1.54 17.94
CA ALA D 147 -0.56 -1.59 18.39
C ALA D 147 -0.50 -2.24 19.77
N LEU D 148 -1.41 -1.86 20.65
CA LEU D 148 -1.47 -2.40 22.00
C LEU D 148 -1.65 -3.91 21.96
N LEU D 149 -2.46 -4.38 21.00
CA LEU D 149 -2.71 -5.80 20.82
C LEU D 149 -1.66 -6.44 19.93
N GLY D 150 -0.60 -5.69 19.62
CA GLY D 150 0.47 -6.20 18.79
C GLY D 150 0.13 -6.40 17.32
N LYS D 151 -0.97 -5.80 16.86
CA LYS D 151 -1.38 -5.91 15.46
C LYS D 151 -0.88 -4.70 14.67
N ASP D 152 -0.78 -4.84 13.36
CA ASP D 152 -0.32 -3.75 12.50
C ASP D 152 -1.32 -2.60 12.47
N MSE D 153 -0.81 -1.38 12.34
CA MSE D 153 -1.64 -0.19 12.27
C MSE D 153 -1.99 -0.04 10.79
O MSE D 153 -1.10 0.16 9.96
CB MSE D 153 -0.88 1.03 12.79
CG MSE D 153 -0.32 0.80 14.19
SE MSE D 153 0.70 2.30 14.86
CE MSE D 153 -0.47 2.86 16.28
N MSE D 154 -3.28 -0.16 10.48
CA MSE D 154 -3.74 -0.12 9.09
C MSE D 154 -4.37 1.17 8.57
O MSE D 154 -4.58 1.28 7.37
CB MSE D 154 -4.75 -1.24 8.87
CG MSE D 154 -4.29 -2.62 9.33
SE MSE D 154 -2.68 -3.16 8.44
CE MSE D 154 -3.40 -3.46 6.67
N SER D 155 -4.65 2.12 9.43
CA SER D 155 -5.31 3.36 9.00
C SER D 155 -4.61 4.07 7.84
N ASP D 156 -5.32 5.01 7.23
CA ASP D 156 -4.77 5.79 6.11
C ASP D 156 -3.86 6.83 6.72
N LEU D 157 -4.20 7.27 7.92
CA LEU D 157 -3.41 8.26 8.63
C LEU D 157 -1.99 7.72 8.88
N THR D 158 -1.87 6.43 9.18
CA THR D 158 -0.55 5.84 9.41
C THR D 158 0.15 5.82 8.06
N ARG D 159 -0.61 5.53 7.02
CA ARG D 159 -0.05 5.51 5.69
C ARG D 159 0.50 6.91 5.38
N ASN D 160 -0.27 7.94 5.73
CA ASN D 160 0.16 9.31 5.47
C ASN D 160 1.32 9.78 6.34
N ASP D 161 1.26 9.47 7.63
CA ASP D 161 2.33 9.87 8.57
C ASP D 161 3.62 9.21 8.12
N LEU D 162 3.55 7.92 7.85
CA LEU D 162 4.70 7.15 7.39
C LEU D 162 5.33 7.85 6.18
N ASP D 163 4.49 8.20 5.22
CA ASP D 163 4.92 8.85 4.00
C ASP D 163 5.56 10.20 4.32
N THR D 164 4.91 10.95 5.19
CA THR D 164 5.41 12.26 5.57
C THR D 164 6.76 12.17 6.28
N LEU D 165 6.82 11.38 7.36
CA LEU D 165 8.05 11.24 8.12
C LEU D 165 9.17 10.57 7.35
N LEU D 166 8.87 9.46 6.69
CA LEU D 166 9.89 8.75 5.94
C LEU D 166 10.45 9.54 4.76
N SER D 167 9.59 10.19 3.99
CA SER D 167 10.06 10.98 2.83
C SER D 167 10.97 12.11 3.31
N MSE D 168 10.68 12.66 4.47
CA MSE D 168 11.52 13.76 4.97
C MSE D 168 12.89 13.20 5.29
O MSE D 168 13.92 13.78 4.94
CB MSE D 168 10.89 14.41 6.20
CG MSE D 168 11.66 15.65 6.66
SE MSE D 168 11.37 17.23 5.54
CE MSE D 168 11.60 16.50 3.78
N GLU D 169 12.89 12.07 5.98
CA GLU D 169 14.13 11.39 6.35
C GLU D 169 14.93 11.12 5.08
N ILE D 170 14.27 10.63 4.03
CA ILE D 170 14.97 10.38 2.78
C ILE D 170 15.57 11.66 2.22
N LYS D 171 14.77 12.73 2.15
CA LYS D 171 15.24 14.00 1.63
C LYS D 171 16.45 14.49 2.41
N LEU D 172 16.39 14.39 3.73
CA LEU D 172 17.52 14.80 4.55
C LEU D 172 18.76 14.00 4.15
N ARG D 173 18.64 12.67 4.12
CA ARG D 173 19.76 11.80 3.77
C ARG D 173 20.31 12.08 2.37
N LEU D 174 19.49 12.69 1.50
CA LEU D 174 19.96 12.97 0.14
C LEU D 174 20.53 14.35 -0.12
N LEU D 175 20.50 15.22 0.89
CA LEU D 175 21.00 16.59 0.72
C LEU D 175 22.38 16.72 0.12
N ASP D 176 23.34 15.91 0.55
CA ASP D 176 24.67 16.06 0.02
C ASP D 176 24.93 15.47 -1.36
N LEU D 177 23.89 15.01 -2.03
CA LEU D 177 24.02 14.46 -3.38
C LEU D 177 23.62 15.45 -4.47
N GLU D 178 23.28 16.68 -4.08
CA GLU D 178 22.88 17.69 -5.07
C GLU D 178 23.94 17.87 -6.13
N ASN D 179 23.53 17.85 -7.39
CA ASN D 179 24.44 18.03 -8.52
C ASN D 179 25.42 16.88 -8.71
N ILE D 180 25.13 15.76 -8.07
CA ILE D 180 25.97 14.57 -8.20
C ILE D 180 25.06 13.49 -8.75
N GLN D 181 25.30 13.07 -9.98
CA GLN D 181 24.48 12.06 -10.62
C GLN D 181 24.65 10.66 -10.04
N ILE D 182 23.53 10.01 -9.76
CA ILE D 182 23.52 8.66 -9.21
C ILE D 182 23.50 7.66 -10.37
N PRO D 183 24.36 6.65 -10.32
CA PRO D 183 24.39 5.65 -11.40
C PRO D 183 23.06 4.90 -11.49
N ASP D 184 22.75 4.41 -12.69
CA ASP D 184 21.52 3.66 -12.89
C ASP D 184 21.69 2.27 -12.31
N ALA D 185 22.91 1.75 -12.41
CA ALA D 185 23.22 0.43 -11.89
C ALA D 185 24.27 0.53 -10.78
N PRO D 186 24.32 -0.49 -9.89
CA PRO D 186 25.26 -0.54 -8.77
C PRO D 186 26.71 -0.52 -9.25
N PRO D 187 27.55 0.31 -8.63
CA PRO D 187 28.95 0.36 -9.04
C PRO D 187 29.56 -1.03 -8.84
N PRO D 188 30.68 -1.30 -9.52
CA PRO D 188 31.32 -2.61 -9.39
C PRO D 188 31.98 -2.81 -8.01
N ILE D 189 31.67 -3.93 -7.37
CA ILE D 189 32.24 -4.25 -6.07
C ILE D 189 33.51 -5.04 -6.33
N PRO D 190 34.67 -4.43 -6.06
CA PRO D 190 35.97 -5.08 -6.28
C PRO D 190 36.23 -6.23 -5.32
N LYS D 191 37.28 -6.99 -5.62
CA LYS D 191 37.68 -8.11 -4.77
C LYS D 191 38.22 -7.46 -3.50
N GLU D 192 37.92 -8.07 -2.36
CA GLU D 192 38.37 -7.51 -1.08
C GLU D 192 39.89 -7.38 -1.04
N PRO D 193 40.41 -6.54 -0.14
CA PRO D 193 41.85 -6.32 0.00
C PRO D 193 42.58 -7.61 0.38
N SER D 194 43.87 -7.64 0.06
CA SER D 194 44.73 -8.77 0.34
C SER D 194 45.18 -8.76 1.79
N ASN D 195 45.01 -7.63 2.48
CA ASN D 195 45.41 -7.53 3.87
C ASN D 195 44.59 -6.46 4.61
N TYR D 196 44.62 -6.54 5.92
CA TYR D 196 43.84 -5.64 6.77
C TYR D 196 44.65 -4.95 7.83
N ASP D 197 45.93 -4.75 7.53
CA ASP D 197 46.79 -4.09 8.49
C ASP D 197 46.75 -2.59 8.25
N PHE D 198 45.64 -1.99 8.69
CA PHE D 198 45.39 -0.57 8.52
C PHE D 198 46.40 0.34 9.20
N VAL D 199 46.45 1.56 8.72
CA VAL D 199 47.32 2.58 9.29
C VAL D 199 46.75 3.07 10.62
N TYR D 200 45.46 3.39 10.62
CA TYR D 200 44.83 3.94 11.82
C TYR D 200 44.18 2.94 12.77
N ASP D 201 44.25 3.22 14.08
CA ASP D 201 43.58 2.39 15.08
C ASP D 201 42.10 2.73 14.91
N CYS D 202 41.23 1.91 15.50
CA CYS D 202 39.81 2.15 15.41
C CYS D 202 39.37 3.40 16.18
N ASN D 203 38.23 3.96 15.80
CA ASN D 203 37.74 5.14 16.50
C ASN D 203 37.11 4.75 17.82
#